data_7DA9
#
_entry.id   7DA9
#
_cell.length_a   67.417
_cell.length_b   83.779
_cell.length_c   79.560
_cell.angle_alpha   90.000
_cell.angle_beta   114.950
_cell.angle_gamma   90.000
#
_symmetry.space_group_name_H-M   'P 1 21 1'
#
loop_
_entity.id
_entity.type
_entity.pdbx_description
1 polymer '6-hydroxy-3-succinoylpyridine 3-monooxygenase HspB'
2 water water
#
_entity_poly.entity_id   1
_entity_poly.type   'polypeptide(L)'
_entity_poly.pdbx_seq_one_letter_code
;MSMKQRVIIVGGGPVGLLTALGLAKAGTNVVVLEAESQPSDSPRALVYHFPVLPHLKRLGVLDDCVAAGLMRQNFAWRVH
STSEMIFWDLSCLEGDVELPYALHLGQDKLSRILIEHLKALPNVEVRYSSPVVDCEVGPRSVRVVLGGESPGVIVEGDWL
IGADGANSFVRREVLNQNFFGITWPQRYVATNTRFDFDKLGFGKTTMQVDDVYGSVICNIDADSLWRVTFMEDPNLPMEG
IRGRIDQVFKELLPTNDPYEVVAFSPYRMHQRVTDRMRNGRVILIGDAAHVTNPTGGLGLTGGMFDAFALTSVLNQVIHD
GRSEDILDVFEADRRRKFIELVSPRASDNLRNLYHQKPGEGKNDWVNNTRSISKDIDRMRDALRFPETMETFL
;
_entity_poly.pdbx_strand_id   A,B
#
# COMPACT_ATOMS: atom_id res chain seq x y z
N GLN A 5 18.01 9.82 -32.01
CA GLN A 5 16.96 9.67 -31.00
C GLN A 5 17.36 10.27 -29.64
N ARG A 6 17.13 11.56 -29.47
CA ARG A 6 17.54 12.21 -28.23
C ARG A 6 16.62 11.82 -27.07
N VAL A 7 17.22 11.56 -25.92
CA VAL A 7 16.48 11.32 -24.69
C VAL A 7 16.58 12.57 -23.83
N ILE A 8 15.43 13.08 -23.37
CA ILE A 8 15.39 14.24 -22.51
C ILE A 8 15.10 13.77 -21.09
N ILE A 9 16.01 14.09 -20.17
CA ILE A 9 15.88 13.75 -18.76
C ILE A 9 15.60 15.04 -18.01
N VAL A 10 14.44 15.11 -17.36
CA VAL A 10 14.06 16.23 -16.51
C VAL A 10 14.39 15.81 -15.08
N GLY A 11 15.39 16.46 -14.49
CA GLY A 11 15.80 16.12 -13.14
C GLY A 11 17.30 16.00 -13.02
N GLY A 12 17.92 16.84 -12.18
CA GLY A 12 19.36 16.89 -12.08
C GLY A 12 19.93 16.28 -10.83
N GLY A 13 19.21 15.34 -10.22
CA GLY A 13 19.72 14.60 -9.08
C GLY A 13 20.37 13.28 -9.48
N PRO A 14 20.79 12.49 -8.49
CA PRO A 14 21.46 11.21 -8.81
C PRO A 14 20.70 10.33 -9.78
N VAL A 15 19.39 10.18 -9.63
CA VAL A 15 18.65 9.24 -10.47
C VAL A 15 18.75 9.68 -11.94
N GLY A 16 18.47 10.95 -12.21
CA GLY A 16 18.60 11.47 -13.57
C GLY A 16 20.02 11.42 -14.13
N LEU A 17 21.01 11.80 -13.31
CA LEU A 17 22.40 11.81 -13.76
C LEU A 17 22.95 10.40 -13.97
N LEU A 18 22.55 9.43 -13.14
CA LEU A 18 23.01 8.06 -13.37
C LEU A 18 22.43 7.50 -14.65
N THR A 19 21.18 7.86 -14.94
CA THR A 19 20.52 7.45 -16.17
C THR A 19 21.20 8.09 -17.38
N ALA A 20 21.49 9.39 -17.26
CA ALA A 20 22.24 10.10 -18.27
C ALA A 20 23.53 9.37 -18.60
N LEU A 21 24.32 9.05 -17.57
CA LEU A 21 25.64 8.48 -17.79
C LEU A 21 25.55 7.10 -18.46
N GLY A 22 24.68 6.24 -17.94
CA GLY A 22 24.51 4.91 -18.53
C GLY A 22 24.04 4.97 -19.97
N LEU A 23 23.01 5.77 -20.25
CA LEU A 23 22.59 5.99 -21.63
C LEU A 23 23.74 6.54 -22.47
N ALA A 24 24.42 7.57 -21.93
CA ALA A 24 25.44 8.27 -22.72
C ALA A 24 26.62 7.36 -23.06
N LYS A 25 27.03 6.49 -22.13
CA LYS A 25 28.17 5.60 -22.40
C LYS A 25 27.88 4.62 -23.52
N ALA A 26 26.61 4.38 -23.84
CA ALA A 26 26.22 3.54 -24.95
C ALA A 26 26.09 4.28 -26.27
N GLY A 27 26.46 5.55 -26.32
CA GLY A 27 26.35 6.34 -27.53
C GLY A 27 25.06 7.12 -27.65
N THR A 28 24.13 6.95 -26.70
CA THR A 28 22.86 7.65 -26.74
C THR A 28 23.07 9.16 -26.61
N ASN A 29 22.27 9.93 -27.34
CA ASN A 29 22.28 11.39 -27.25
C ASN A 29 21.31 11.82 -26.16
N VAL A 30 21.80 12.57 -25.17
CA VAL A 30 21.04 12.84 -23.94
C VAL A 30 21.10 14.32 -23.60
N VAL A 31 19.98 14.85 -23.10
CA VAL A 31 19.87 16.23 -22.61
C VAL A 31 19.28 16.19 -21.20
N VAL A 32 20.05 16.64 -20.20
CA VAL A 32 19.56 16.67 -18.82
C VAL A 32 19.16 18.10 -18.46
N LEU A 33 17.93 18.27 -17.98
CA LEU A 33 17.36 19.58 -17.62
C LEU A 33 17.00 19.58 -16.14
N GLU A 34 17.60 20.49 -15.38
CA GLU A 34 17.28 20.64 -13.97
C GLU A 34 16.77 22.06 -13.71
N ALA A 35 15.66 22.17 -12.98
CA ALA A 35 15.12 23.48 -12.66
C ALA A 35 16.03 24.22 -11.67
N GLU A 36 16.40 23.57 -10.56
CA GLU A 36 17.29 24.22 -9.62
C GLU A 36 18.64 24.46 -10.29
N SER A 37 19.47 25.30 -9.66
CA SER A 37 20.70 25.71 -10.31
C SER A 37 21.88 24.80 -9.97
N GLN A 38 21.66 23.75 -9.18
CA GLN A 38 22.74 22.87 -8.73
C GLN A 38 22.10 21.67 -8.04
N PRO A 39 22.86 20.58 -7.84
CA PRO A 39 22.30 19.44 -7.12
C PRO A 39 21.99 19.79 -5.66
N SER A 40 20.89 19.24 -5.17
CA SER A 40 20.44 19.55 -3.81
C SER A 40 21.39 18.96 -2.78
N ASP A 41 21.72 19.75 -1.76
CA ASP A 41 22.48 19.24 -0.61
C ASP A 41 21.63 19.16 0.65
N SER A 42 20.31 19.16 0.51
CA SER A 42 19.44 19.05 1.66
C SER A 42 19.60 17.67 2.31
N PRO A 43 19.35 17.56 3.62
CA PRO A 43 19.56 16.28 4.32
C PRO A 43 18.64 15.15 3.85
N ARG A 44 19.20 14.22 3.07
CA ARG A 44 18.46 13.06 2.56
C ARG A 44 19.35 11.84 2.70
N ALA A 45 18.85 10.70 2.22
CA ALA A 45 19.62 9.46 2.29
C ALA A 45 21.01 9.63 1.69
N LEU A 46 21.99 8.93 2.27
CA LEU A 46 23.36 9.08 1.81
C LEU A 46 24.13 7.76 1.82
N VAL A 47 23.47 6.61 1.88
CA VAL A 47 24.17 5.32 1.92
C VAL A 47 23.85 4.55 0.65
N TYR A 48 24.88 4.01 0.02
CA TYR A 48 24.74 3.20 -1.20
C TYR A 48 25.03 1.76 -0.79
N HIS A 49 23.97 0.95 -0.78
CA HIS A 49 24.06 -0.40 -0.24
C HIS A 49 24.81 -1.30 -1.22
N PHE A 50 25.27 -2.45 -0.71
CA PHE A 50 26.18 -3.31 -1.48
C PHE A 50 25.74 -3.62 -2.91
N PRO A 51 24.47 -3.93 -3.23
CA PRO A 51 24.16 -4.30 -4.63
C PRO A 51 24.19 -3.13 -5.59
N VAL A 52 24.23 -1.90 -5.10
CA VAL A 52 24.37 -0.74 -5.99
C VAL A 52 25.82 -0.58 -6.45
N LEU A 53 26.77 -0.99 -5.64
CA LEU A 53 28.18 -0.66 -5.86
C LEU A 53 28.74 -1.26 -7.15
N PRO A 54 28.40 -2.51 -7.53
CA PRO A 54 28.88 -3.00 -8.83
C PRO A 54 28.45 -2.14 -10.00
N HIS A 55 27.25 -1.52 -9.92
CA HIS A 55 26.77 -0.69 -11.01
C HIS A 55 27.56 0.61 -11.08
N LEU A 56 27.87 1.19 -9.92
CA LEU A 56 28.73 2.37 -9.88
C LEU A 56 30.12 2.05 -10.42
N LYS A 57 30.65 0.87 -10.07
CA LYS A 57 31.95 0.46 -10.60
C LYS A 57 31.90 0.30 -12.12
N ARG A 58 30.86 -0.38 -12.61
CA ARG A 58 30.67 -0.54 -14.05
C ARG A 58 30.60 0.81 -14.77
N LEU A 59 29.88 1.77 -14.19
CA LEU A 59 29.79 3.11 -14.77
C LEU A 59 31.08 3.89 -14.61
N GLY A 60 32.05 3.39 -13.85
CA GLY A 60 33.35 4.05 -13.74
C GLY A 60 33.45 5.14 -12.69
N VAL A 61 32.51 5.22 -11.75
CA VAL A 61 32.49 6.29 -10.77
C VAL A 61 32.78 5.82 -9.37
N LEU A 62 32.84 4.51 -9.12
CA LEU A 62 32.96 4.05 -7.74
C LEU A 62 34.24 4.58 -7.10
N ASP A 63 35.36 4.53 -7.81
CA ASP A 63 36.64 4.93 -7.21
C ASP A 63 36.60 6.39 -6.75
N ASP A 64 36.02 7.28 -7.56
CA ASP A 64 35.87 8.68 -7.14
C ASP A 64 34.95 8.82 -5.94
N CYS A 65 33.87 8.03 -5.92
CA CYS A 65 32.98 8.03 -4.77
C CYS A 65 33.72 7.64 -3.51
N VAL A 66 34.49 6.57 -3.57
CA VAL A 66 35.24 6.10 -2.43
C VAL A 66 36.21 7.18 -1.95
N ALA A 67 36.90 7.85 -2.88
CA ALA A 67 37.82 8.91 -2.51
C ALA A 67 37.11 10.05 -1.78
N ALA A 68 35.89 10.38 -2.22
CA ALA A 68 35.15 11.50 -1.65
C ALA A 68 34.33 11.12 -0.43
N GLY A 69 34.00 9.84 -0.25
CA GLY A 69 33.12 9.45 0.83
C GLY A 69 33.80 8.47 1.77
N LEU A 70 33.06 7.49 2.28
CA LEU A 70 33.74 6.45 3.05
C LEU A 70 33.01 5.11 2.89
N MET A 71 33.78 4.03 3.03
CA MET A 71 33.26 2.67 2.97
C MET A 71 33.31 2.06 4.35
N ARG A 72 32.31 1.26 4.68
CA ARG A 72 32.26 0.59 5.97
C ARG A 72 31.55 -0.73 5.83
N GLN A 73 31.67 -1.55 6.87
CA GLN A 73 30.95 -2.81 6.97
C GLN A 73 30.12 -2.93 8.24
N ASN A 74 30.44 -2.18 9.29
CA ASN A 74 29.76 -2.27 10.56
C ASN A 74 28.42 -1.55 10.51
N PHE A 75 27.51 -1.98 11.38
CA PHE A 75 26.18 -1.41 11.53
C PHE A 75 25.76 -1.71 12.96
N ALA A 76 25.14 -0.74 13.63
CA ALA A 76 24.75 -0.94 15.03
C ALA A 76 23.28 -0.58 15.26
N TRP A 77 22.59 -1.44 15.99
CA TRP A 77 21.32 -1.09 16.61
C TRP A 77 21.63 -0.63 18.02
N ARG A 78 21.03 0.48 18.44
CA ARG A 78 21.19 0.97 19.82
C ARG A 78 19.83 1.05 20.47
N VAL A 79 19.66 0.32 21.58
CA VAL A 79 18.42 0.40 22.35
C VAL A 79 18.56 1.58 23.31
N HIS A 80 17.71 2.60 23.12
CA HIS A 80 17.84 3.82 23.91
C HIS A 80 17.57 3.56 25.38
N SER A 81 16.59 2.71 25.69
CA SER A 81 16.24 2.49 27.09
C SER A 81 17.37 1.86 27.88
N THR A 82 18.20 1.02 27.25
CA THR A 82 19.26 0.35 27.97
C THR A 82 20.66 0.77 27.55
N SER A 83 20.79 1.60 26.51
CA SER A 83 22.06 1.94 25.90
C SER A 83 22.78 0.72 25.29
N GLU A 84 22.08 -0.41 25.08
CA GLU A 84 22.74 -1.58 24.49
C GLU A 84 23.00 -1.36 23.00
N MET A 85 24.23 -1.61 22.58
CA MET A 85 24.62 -1.62 21.17
C MET A 85 24.69 -3.06 20.68
N ILE A 86 24.08 -3.32 19.52
CA ILE A 86 24.05 -4.64 18.92
C ILE A 86 24.57 -4.47 17.51
N PHE A 87 25.74 -5.03 17.22
CA PHE A 87 26.39 -4.84 15.91
C PHE A 87 26.05 -5.97 14.95
N TRP A 88 25.67 -5.59 13.72
CA TRP A 88 25.68 -6.46 12.56
C TRP A 88 26.80 -6.02 11.64
N ASP A 89 27.22 -6.91 10.73
CA ASP A 89 28.44 -6.62 9.97
C ASP A 89 28.37 -7.24 8.58
N LEU A 90 28.54 -6.39 7.55
CA LEU A 90 28.48 -6.82 6.16
C LEU A 90 29.60 -7.77 5.76
N SER A 91 30.68 -7.88 6.55
CA SER A 91 31.69 -8.87 6.22
C SER A 91 31.15 -10.29 6.22
N CYS A 92 29.96 -10.52 6.76
CA CYS A 92 29.43 -11.87 6.60
C CYS A 92 28.98 -12.17 5.17
N LEU A 93 29.03 -11.19 4.26
CA LEU A 93 28.69 -11.37 2.86
C LEU A 93 29.91 -11.49 1.96
N GLU A 94 31.11 -11.70 2.52
CA GLU A 94 32.33 -11.47 1.77
C GLU A 94 32.51 -12.46 0.61
N GLY A 95 32.03 -13.68 0.73
CA GLY A 95 32.10 -14.58 -0.41
C GLY A 95 30.81 -14.70 -1.18
N ASP A 96 29.78 -13.94 -0.81
CA ASP A 96 28.46 -14.05 -1.41
C ASP A 96 28.17 -12.95 -2.41
N VAL A 97 28.78 -11.78 -2.24
CA VAL A 97 28.52 -10.62 -3.08
C VAL A 97 29.86 -10.02 -3.48
N GLU A 98 29.82 -9.25 -4.56
CA GLU A 98 31.06 -8.71 -5.12
C GLU A 98 31.68 -7.68 -4.19
N LEU A 99 30.89 -6.74 -3.69
CA LEU A 99 31.42 -5.62 -2.91
C LEU A 99 30.68 -5.53 -1.59
N PRO A 100 31.08 -6.32 -0.59
CA PRO A 100 30.32 -6.39 0.67
C PRO A 100 30.60 -5.20 1.59
N TYR A 101 30.22 -4.01 1.11
CA TYR A 101 30.43 -2.77 1.84
C TYR A 101 29.19 -1.89 1.74
N ALA A 102 29.17 -0.84 2.56
CA ALA A 102 28.23 0.26 2.40
C ALA A 102 29.04 1.52 2.18
N LEU A 103 28.61 2.32 1.19
CA LEU A 103 29.27 3.59 0.89
C LEU A 103 28.44 4.75 1.43
N HIS A 104 29.10 5.61 2.21
CA HIS A 104 28.50 6.84 2.73
C HIS A 104 28.98 8.01 1.87
N LEU A 105 28.04 8.73 1.27
CA LEU A 105 28.40 9.88 0.44
C LEU A 105 27.16 10.74 0.17
N GLY A 106 27.24 12.04 0.46
CA GLY A 106 26.08 12.89 0.22
C GLY A 106 25.68 12.85 -1.25
N GLN A 107 24.36 12.85 -1.50
CA GLN A 107 23.89 12.83 -2.88
C GLN A 107 24.40 14.03 -3.68
N ASP A 108 24.63 15.17 -3.02
CA ASP A 108 25.17 16.31 -3.77
C ASP A 108 26.56 16.00 -4.30
N LYS A 109 27.38 15.30 -3.50
CA LYS A 109 28.75 14.98 -3.92
C LYS A 109 28.77 13.90 -4.99
N LEU A 110 27.87 12.91 -4.89
CA LEU A 110 27.75 11.94 -5.97
C LEU A 110 27.31 12.64 -7.26
N SER A 111 26.41 13.61 -7.14
CA SER A 111 25.92 14.32 -8.33
C SER A 111 27.05 15.09 -9.02
N ARG A 112 27.91 15.77 -8.24
CA ARG A 112 29.03 16.50 -8.84
C ARG A 112 29.99 15.55 -9.57
N ILE A 113 30.26 14.38 -8.98
CA ILE A 113 31.13 13.41 -9.64
C ILE A 113 30.50 12.97 -10.96
N LEU A 114 29.20 12.69 -10.94
CA LEU A 114 28.50 12.31 -12.16
C LEU A 114 28.58 13.42 -13.21
N ILE A 115 28.41 14.68 -12.79
CA ILE A 115 28.47 15.78 -13.74
C ILE A 115 29.84 15.88 -14.41
N GLU A 116 30.92 15.75 -13.63
CA GLU A 116 32.26 15.78 -14.21
C GLU A 116 32.48 14.65 -15.21
N HIS A 117 31.90 13.47 -14.94
CA HIS A 117 32.02 12.38 -15.91
C HIS A 117 31.21 12.67 -17.18
N LEU A 118 30.00 13.23 -17.04
CA LEU A 118 29.21 13.53 -18.23
C LEU A 118 29.91 14.55 -19.14
N LYS A 119 30.66 15.50 -18.57
CA LYS A 119 31.42 16.47 -19.37
C LYS A 119 32.28 15.78 -20.43
N ALA A 120 32.86 14.62 -20.08
CA ALA A 120 33.74 13.92 -21.01
C ALA A 120 33.00 13.36 -22.22
N LEU A 121 31.68 13.21 -22.13
CA LEU A 121 30.91 12.65 -23.22
C LEU A 121 30.35 13.78 -24.07
N PRO A 122 30.78 13.94 -25.32
CA PRO A 122 30.24 15.03 -26.15
C PRO A 122 28.80 14.82 -26.53
N ASN A 123 28.26 13.62 -26.37
CA ASN A 123 26.89 13.31 -26.71
C ASN A 123 25.89 13.62 -25.60
N VAL A 124 26.32 14.32 -24.54
CA VAL A 124 25.40 14.63 -23.44
C VAL A 124 25.54 16.11 -23.10
N GLU A 125 24.40 16.76 -22.97
CA GLU A 125 24.27 18.17 -22.64
C GLU A 125 23.55 18.27 -21.30
N VAL A 126 24.11 19.06 -20.39
CA VAL A 126 23.57 19.26 -19.05
C VAL A 126 23.22 20.73 -18.85
N ARG A 127 22.03 21.00 -18.33
CA ARG A 127 21.50 22.37 -18.22
C ARG A 127 20.83 22.54 -16.85
N TYR A 128 21.53 23.18 -15.93
CA TYR A 128 20.92 23.56 -14.66
C TYR A 128 20.30 24.95 -14.78
N SER A 129 19.54 25.34 -13.76
CA SER A 129 18.78 26.61 -13.78
C SER A 129 17.89 26.70 -15.01
N SER A 130 17.34 25.56 -15.45
CA SER A 130 16.54 25.51 -16.67
C SER A 130 15.25 24.74 -16.42
N PRO A 131 14.27 25.36 -15.77
CA PRO A 131 12.98 24.70 -15.58
C PRO A 131 12.23 24.55 -16.89
N VAL A 132 11.37 23.55 -16.95
CA VAL A 132 10.49 23.35 -18.10
C VAL A 132 9.24 24.20 -17.89
N VAL A 133 8.95 25.10 -18.84
CA VAL A 133 7.79 25.98 -18.68
C VAL A 133 6.60 25.45 -19.45
N ASP A 134 6.85 24.68 -20.51
CA ASP A 134 5.77 24.02 -21.23
C ASP A 134 6.30 22.76 -21.91
N CYS A 135 5.43 21.76 -22.00
CA CYS A 135 5.78 20.47 -22.58
C CYS A 135 4.59 19.92 -23.33
N GLU A 136 4.79 19.54 -24.58
CA GLU A 136 3.82 18.78 -25.35
C GLU A 136 4.46 17.45 -25.76
N VAL A 137 3.68 16.39 -25.65
CA VAL A 137 4.15 15.03 -25.86
C VAL A 137 3.29 14.37 -26.92
N GLY A 138 3.91 13.82 -27.95
CA GLY A 138 3.18 13.15 -28.98
C GLY A 138 3.35 11.65 -28.88
N PRO A 139 2.76 10.91 -29.80
CA PRO A 139 3.00 9.46 -29.83
C PRO A 139 4.43 9.11 -30.25
N ARG A 140 5.16 10.02 -30.86
CA ARG A 140 6.48 9.72 -31.38
C ARG A 140 7.52 10.77 -31.02
N SER A 141 7.17 11.77 -30.23
CA SER A 141 8.07 12.89 -30.05
C SER A 141 7.68 13.63 -28.79
N VAL A 142 8.62 14.43 -28.31
CA VAL A 142 8.42 15.23 -27.11
C VAL A 142 9.04 16.59 -27.38
N ARG A 143 8.52 17.61 -26.71
CA ARG A 143 8.99 18.98 -26.96
C ARG A 143 8.82 19.77 -25.68
N VAL A 144 9.92 20.30 -25.18
CA VAL A 144 9.86 21.17 -24.00
C VAL A 144 10.41 22.52 -24.38
N VAL A 145 9.96 23.54 -23.65
CA VAL A 145 10.51 24.89 -23.75
C VAL A 145 10.97 25.28 -22.36
N LEU A 146 12.15 25.90 -22.28
CA LEU A 146 12.79 26.18 -21.00
C LEU A 146 12.61 27.65 -20.59
N GLY A 147 12.69 27.87 -19.28
CA GLY A 147 12.82 29.19 -18.71
C GLY A 147 14.16 29.35 -18.00
N GLY A 148 14.16 30.06 -16.87
CA GLY A 148 15.38 30.28 -16.11
C GLY A 148 16.49 30.88 -16.96
N GLU A 149 17.72 30.42 -16.71
CA GLU A 149 18.89 30.92 -17.45
C GLU A 149 18.95 30.38 -18.89
N SER A 150 17.90 29.71 -19.35
CA SER A 150 17.79 29.25 -20.73
C SER A 150 16.48 29.75 -21.33
N PRO A 151 16.32 31.06 -21.48
CA PRO A 151 15.00 31.61 -21.82
C PRO A 151 14.57 31.19 -23.23
N GLY A 152 13.37 30.64 -23.32
CA GLY A 152 12.74 30.31 -24.58
C GLY A 152 13.34 29.16 -25.36
N VAL A 153 14.43 28.57 -24.88
CA VAL A 153 15.10 27.51 -25.64
C VAL A 153 14.17 26.32 -25.82
N ILE A 154 14.26 25.69 -26.99
CA ILE A 154 13.38 24.58 -27.36
C ILE A 154 14.22 23.31 -27.41
N VAL A 155 13.74 22.26 -26.73
CA VAL A 155 14.42 20.96 -26.73
C VAL A 155 13.45 19.93 -27.25
N GLU A 156 13.82 19.24 -28.31
CA GLU A 156 13.01 18.17 -28.89
C GLU A 156 13.72 16.83 -28.74
N GLY A 157 12.95 15.78 -28.50
CA GLY A 157 13.54 14.47 -28.32
C GLY A 157 12.57 13.37 -28.72
N ASP A 158 13.05 12.13 -28.62
CA ASP A 158 12.25 10.94 -28.83
C ASP A 158 11.70 10.34 -27.54
N TRP A 159 12.30 10.64 -26.39
CA TRP A 159 11.91 10.05 -25.12
C TRP A 159 12.05 11.12 -24.04
N LEU A 160 11.06 11.17 -23.14
CA LEU A 160 11.09 12.04 -21.98
C LEU A 160 11.14 11.17 -20.74
N ILE A 161 12.16 11.38 -19.92
CA ILE A 161 12.31 10.66 -18.65
C ILE A 161 12.00 11.62 -17.53
N GLY A 162 10.97 11.30 -16.74
CA GLY A 162 10.67 12.09 -15.58
C GLY A 162 11.46 11.59 -14.39
N ALA A 163 12.47 12.36 -14.00
CA ALA A 163 13.37 12.01 -12.90
C ALA A 163 13.47 13.19 -11.95
N ASP A 164 12.35 13.86 -11.71
CA ASP A 164 12.36 15.20 -11.12
C ASP A 164 11.68 15.26 -9.76
N GLY A 165 11.60 14.16 -9.05
CA GLY A 165 11.30 14.20 -7.63
C GLY A 165 9.84 14.01 -7.30
N ALA A 166 9.59 13.96 -5.98
CA ALA A 166 8.28 13.65 -5.42
C ALA A 166 7.17 14.51 -6.01
N ASN A 167 7.48 15.78 -6.30
CA ASN A 167 6.49 16.71 -6.84
C ASN A 167 6.59 16.84 -8.36
N SER A 168 6.74 15.71 -9.04
CA SER A 168 7.20 15.69 -10.41
C SER A 168 6.27 16.49 -11.32
N PHE A 169 6.80 17.53 -11.95
CA PHE A 169 6.10 18.18 -13.05
C PHE A 169 5.63 17.15 -14.08
N VAL A 170 6.49 16.22 -14.45
CA VAL A 170 6.16 15.26 -15.51
C VAL A 170 4.99 14.37 -15.08
N ARG A 171 5.01 13.88 -13.85
CA ARG A 171 3.91 13.03 -13.41
C ARG A 171 2.61 13.81 -13.32
N ARG A 172 2.64 14.98 -12.66
CA ARG A 172 1.41 15.72 -12.40
C ARG A 172 0.88 16.41 -13.67
N GLU A 173 1.74 17.19 -14.34
CA GLU A 173 1.32 18.10 -15.41
C GLU A 173 1.35 17.45 -16.79
N VAL A 174 2.41 16.72 -17.14
CA VAL A 174 2.48 16.14 -18.48
C VAL A 174 1.60 14.90 -18.57
N LEU A 175 1.72 13.98 -17.60
CA LEU A 175 0.94 12.74 -17.64
C LEU A 175 -0.38 12.84 -16.91
N ASN A 176 -0.53 13.80 -15.99
CA ASN A 176 -1.74 13.91 -15.18
C ASN A 176 -2.09 12.56 -14.56
N GLN A 177 -1.09 11.93 -13.97
CA GLN A 177 -1.26 10.64 -13.29
C GLN A 177 -1.48 10.85 -11.80
N ASN A 178 -2.09 9.84 -11.18
CA ASN A 178 -2.32 9.88 -9.74
C ASN A 178 -1.06 9.50 -8.97
N PHE A 179 -1.10 9.76 -7.67
CA PHE A 179 -0.02 9.42 -6.75
C PHE A 179 -0.64 8.90 -5.45
N PHE A 180 -1.38 7.79 -5.56
CA PHE A 180 -2.18 7.31 -4.44
C PHE A 180 -1.29 6.62 -3.40
N GLY A 181 -1.70 6.75 -2.15
CA GLY A 181 -1.00 6.14 -1.03
C GLY A 181 -1.34 6.87 0.25
N ILE A 182 -0.39 6.89 1.18
CA ILE A 182 -0.59 7.46 2.51
C ILE A 182 0.53 8.43 2.84
N THR A 183 0.22 9.34 3.76
CA THR A 183 1.16 10.26 4.37
C THR A 183 1.24 9.94 5.85
N TRP A 184 2.45 9.74 6.36
CA TRP A 184 2.57 9.38 7.76
C TRP A 184 2.14 10.55 8.65
N PRO A 185 1.63 10.25 9.85
CA PRO A 185 1.16 11.34 10.74
C PRO A 185 2.27 12.26 11.24
N GLN A 186 3.46 11.75 11.48
CA GLN A 186 4.49 12.53 12.16
C GLN A 186 5.34 13.37 11.18
N ARG A 187 5.82 14.50 11.68
CA ARG A 187 6.84 15.27 10.96
C ARG A 187 8.21 14.63 11.15
N TYR A 188 8.95 14.48 10.06
CA TYR A 188 10.30 13.94 10.10
C TYR A 188 11.26 15.11 10.18
N VAL A 189 12.16 15.07 11.16
CA VAL A 189 13.16 16.12 11.30
C VAL A 189 14.53 15.50 11.04
N ALA A 190 15.16 15.92 9.94
CA ALA A 190 16.47 15.41 9.54
C ALA A 190 17.50 16.51 9.66
N THR A 191 18.52 16.29 10.51
CA THR A 191 19.59 17.25 10.74
C THR A 191 20.94 16.67 10.31
N ASN A 192 21.86 17.58 9.97
CA ASN A 192 23.29 17.27 9.91
C ASN A 192 23.93 17.93 11.12
N THR A 193 24.48 17.11 12.01
CA THR A 193 24.95 17.58 13.30
C THR A 193 26.41 17.17 13.49
N ARG A 194 27.22 18.11 13.97
CA ARG A 194 28.61 17.82 14.29
C ARG A 194 28.65 17.36 15.75
N PHE A 195 29.08 16.12 15.95
CA PHE A 195 29.10 15.48 17.26
C PHE A 195 29.93 14.21 17.12
N ASP A 196 30.82 13.97 18.08
CA ASP A 196 31.84 12.92 17.96
C ASP A 196 31.23 11.57 18.36
N PHE A 197 30.47 10.99 17.42
CA PHE A 197 29.90 9.68 17.68
C PHE A 197 30.96 8.58 17.60
N ASP A 198 32.05 8.83 16.84
CA ASP A 198 33.10 7.83 16.62
C ASP A 198 33.82 7.48 17.92
N LYS A 199 34.09 8.46 18.76
CA LYS A 199 34.78 8.15 20.01
C LYS A 199 33.90 7.36 20.98
N LEU A 200 32.59 7.32 20.75
CA LEU A 200 31.68 6.59 21.62
C LEU A 200 31.35 5.19 21.10
N GLY A 201 32.00 4.75 20.02
CA GLY A 201 31.83 3.38 19.57
C GLY A 201 30.69 3.15 18.61
N PHE A 202 30.11 4.21 18.05
CA PHE A 202 28.93 4.05 17.20
C PHE A 202 29.28 3.41 15.88
N GLY A 203 28.37 2.57 15.38
CA GLY A 203 28.45 2.17 14.00
C GLY A 203 28.36 3.38 13.06
N LYS A 204 29.01 3.25 11.92
CA LYS A 204 28.95 4.32 10.93
C LYS A 204 27.52 4.60 10.51
N THR A 205 26.67 3.57 10.50
CA THR A 205 25.23 3.76 10.63
C THR A 205 24.81 3.13 11.95
N THR A 206 24.17 3.93 12.80
CA THR A 206 23.60 3.46 14.06
C THR A 206 22.11 3.78 14.07
N MET A 207 21.29 2.76 14.29
CA MET A 207 19.85 2.94 14.32
C MET A 207 19.37 2.87 15.76
N GLN A 208 18.98 4.02 16.30
CA GLN A 208 18.55 4.15 17.69
C GLN A 208 17.05 3.84 17.83
N VAL A 209 16.71 2.79 18.58
CA VAL A 209 15.34 2.33 18.75
C VAL A 209 14.75 2.91 20.03
N ASP A 210 13.62 3.59 19.90
CA ASP A 210 12.88 4.16 21.03
C ASP A 210 11.52 4.59 20.52
N ASP A 211 10.62 4.93 21.44
CA ASP A 211 9.35 5.47 21.00
C ASP A 211 9.28 7.00 21.04
N VAL A 212 10.20 7.68 21.72
CA VAL A 212 10.28 9.13 21.67
C VAL A 212 11.54 9.57 20.94
N TYR A 213 12.67 8.96 21.25
CA TYR A 213 13.99 9.38 20.76
C TYR A 213 14.56 8.40 19.74
N GLY A 214 13.70 7.74 18.97
CA GLY A 214 14.21 6.92 17.88
C GLY A 214 14.95 7.78 16.87
N SER A 215 16.01 7.23 16.28
CA SER A 215 16.86 8.05 15.41
C SER A 215 17.68 7.17 14.46
N VAL A 216 17.90 7.71 13.26
CA VAL A 216 18.93 7.22 12.35
C VAL A 216 20.13 8.12 12.55
N ILE A 217 21.27 7.54 12.89
CA ILE A 217 22.49 8.27 13.18
C ILE A 217 23.54 7.75 12.23
N CYS A 218 23.93 8.56 11.24
CA CYS A 218 24.63 8.04 10.07
C CYS A 218 25.74 8.99 9.64
N ASN A 219 26.95 8.46 9.50
CA ASN A 219 28.13 9.31 9.31
C ASN A 219 28.18 9.88 7.90
N ILE A 220 28.37 11.19 7.81
CA ILE A 220 28.33 11.94 6.53
C ILE A 220 29.74 12.17 5.98
N ASP A 221 30.65 12.67 6.82
CA ASP A 221 32.01 12.94 6.37
C ASP A 221 32.99 12.76 7.53
N ALA A 222 34.26 13.04 7.26
CA ALA A 222 35.34 12.82 8.23
C ALA A 222 35.50 13.93 9.26
N ASP A 223 34.78 15.06 9.13
CA ASP A 223 34.79 16.10 10.16
C ASP A 223 33.76 15.86 11.24
N SER A 224 33.47 14.60 11.59
CA SER A 224 32.49 14.25 12.62
C SER A 224 31.11 14.83 12.30
N LEU A 225 30.77 14.98 11.03
CA LEU A 225 29.42 15.36 10.66
C LEU A 225 28.56 14.09 10.52
N TRP A 226 27.41 14.07 11.21
CA TRP A 226 26.51 12.93 11.20
C TRP A 226 25.09 13.36 10.89
N ARG A 227 24.38 12.53 10.13
CA ARG A 227 22.92 12.61 10.10
C ARG A 227 22.36 12.21 11.46
N VAL A 228 21.43 13.01 11.99
CA VAL A 228 20.68 12.66 13.20
C VAL A 228 19.23 13.07 12.98
N THR A 229 18.30 12.12 13.19
CA THR A 229 16.90 12.33 12.89
C THR A 229 16.07 12.23 14.16
N PHE A 230 14.82 12.70 14.06
CA PHE A 230 13.79 12.33 15.02
C PHE A 230 12.43 12.70 14.46
N MET A 231 11.39 12.16 15.10
CA MET A 231 10.00 12.40 14.74
C MET A 231 9.39 13.41 15.70
N GLU A 232 8.45 14.22 15.20
CA GLU A 232 7.71 15.10 16.09
C GLU A 232 6.30 15.30 15.56
N ASP A 233 5.43 15.78 16.43
CA ASP A 233 4.05 16.06 16.04
C ASP A 233 4.04 17.21 15.03
N PRO A 234 3.40 17.04 13.87
CA PRO A 234 3.41 18.11 12.86
C PRO A 234 2.65 19.35 13.27
N ASN A 235 1.95 19.32 14.39
CA ASN A 235 1.25 20.52 14.86
C ASN A 235 2.17 21.48 15.61
N LEU A 236 3.24 20.99 16.23
CA LEU A 236 4.22 21.87 16.85
C LEU A 236 4.64 22.97 15.86
N PRO A 237 4.62 24.24 16.26
CA PRO A 237 4.78 25.32 15.28
C PRO A 237 6.17 25.35 14.67
N MET A 238 6.21 25.66 13.38
CA MET A 238 7.47 25.58 12.64
C MET A 238 8.52 26.53 13.19
N GLU A 239 8.11 27.68 13.72
CA GLU A 239 9.10 28.66 14.17
C GLU A 239 9.88 28.18 15.38
N GLY A 240 9.36 27.24 16.15
CA GLY A 240 10.08 26.77 17.31
C GLY A 240 11.00 25.59 17.06
N ILE A 241 11.20 25.18 15.80
CA ILE A 241 11.80 23.88 15.55
C ILE A 241 13.28 23.86 15.95
N ARG A 242 14.03 24.93 15.66
CA ARG A 242 15.43 24.91 16.04
C ARG A 242 15.58 24.80 17.55
N GLY A 243 14.69 25.46 18.30
CA GLY A 243 14.73 25.34 19.74
C GLY A 243 14.36 23.95 20.21
N ARG A 244 13.43 23.30 19.51
CA ARG A 244 13.06 21.94 19.91
C ARG A 244 14.18 20.95 19.62
N ILE A 245 14.97 21.19 18.57
CA ILE A 245 16.12 20.33 18.30
C ILE A 245 17.01 20.25 19.54
N ASP A 246 17.30 21.40 20.14
CA ASP A 246 18.12 21.40 21.35
C ASP A 246 17.46 20.61 22.47
N GLN A 247 16.16 20.78 22.66
CA GLN A 247 15.48 20.10 23.76
C GLN A 247 15.46 18.59 23.53
N VAL A 248 15.16 18.14 22.31
CA VAL A 248 15.24 16.72 21.99
C VAL A 248 16.66 16.19 22.17
N PHE A 249 17.67 16.94 21.70
CA PHE A 249 19.03 16.40 21.67
C PHE A 249 19.59 16.17 23.08
N LYS A 250 19.12 16.94 24.06
CA LYS A 250 19.57 16.75 25.43
C LYS A 250 19.34 15.33 25.92
N GLU A 251 18.31 14.64 25.41
CA GLU A 251 18.08 13.24 25.73
C GLU A 251 18.44 12.28 24.60
N LEU A 252 18.32 12.73 23.35
CA LEU A 252 18.60 11.84 22.22
C LEU A 252 20.08 11.51 22.13
N LEU A 253 20.94 12.50 22.31
CA LEU A 253 22.36 12.26 22.20
C LEU A 253 22.86 11.41 23.36
N PRO A 254 23.92 10.65 23.16
CA PRO A 254 24.34 9.71 24.21
C PRO A 254 25.13 10.36 25.32
N THR A 255 25.66 11.57 25.13
CA THR A 255 26.38 12.29 26.17
C THR A 255 25.96 13.76 26.13
N ASN A 256 26.45 14.53 27.10
CA ASN A 256 26.28 15.99 27.08
C ASN A 256 27.45 16.69 26.37
N ASP A 257 28.24 15.96 25.59
CA ASP A 257 29.33 16.55 24.81
C ASP A 257 28.80 17.60 23.83
N PRO A 258 29.63 18.57 23.46
CA PRO A 258 29.15 19.66 22.60
C PRO A 258 28.75 19.16 21.22
N TYR A 259 27.82 19.88 20.58
CA TYR A 259 27.41 19.60 19.22
C TYR A 259 27.12 20.89 18.47
N GLU A 260 27.24 20.84 17.14
CA GLU A 260 26.84 21.92 16.26
C GLU A 260 25.80 21.38 15.28
N VAL A 261 24.64 22.05 15.22
CA VAL A 261 23.62 21.74 14.22
C VAL A 261 23.99 22.51 12.95
N VAL A 262 24.52 21.77 11.97
CA VAL A 262 25.02 22.38 10.73
C VAL A 262 23.88 22.65 9.75
N ALA A 263 22.85 21.80 9.74
CA ALA A 263 21.72 21.96 8.83
C ALA A 263 20.58 21.11 9.36
N PHE A 264 19.35 21.49 9.00
CA PHE A 264 18.15 20.78 9.44
C PHE A 264 17.04 21.01 8.44
N SER A 265 16.16 20.03 8.32
CA SER A 265 15.07 20.10 7.37
C SER A 265 13.90 19.23 7.82
N PRO A 266 12.72 19.81 8.02
CA PRO A 266 11.54 19.01 8.35
C PRO A 266 10.85 18.55 7.07
N TYR A 267 10.33 17.32 7.11
CA TYR A 267 9.69 16.67 5.97
C TYR A 267 8.41 15.97 6.45
N ARG A 268 7.44 15.86 5.55
CA ARG A 268 6.40 14.88 5.70
C ARG A 268 6.81 13.68 4.85
N MET A 269 6.49 12.47 5.32
CA MET A 269 6.86 11.25 4.64
C MET A 269 5.62 10.57 4.07
N HIS A 270 5.82 9.77 3.01
CA HIS A 270 4.74 9.20 2.22
C HIS A 270 5.08 7.77 1.80
N GLN A 271 4.03 6.96 1.62
CA GLN A 271 4.14 5.72 0.85
C GLN A 271 3.19 5.89 -0.32
N ARG A 272 3.74 6.21 -1.50
CA ARG A 272 2.92 6.54 -2.66
C ARG A 272 3.57 5.99 -3.91
N VAL A 273 2.74 5.62 -4.88
CA VAL A 273 3.23 5.14 -6.17
C VAL A 273 2.28 5.62 -7.27
N THR A 274 2.84 5.90 -8.43
CA THR A 274 2.01 6.38 -9.54
C THR A 274 1.34 5.19 -10.23
N ASP A 275 0.35 5.48 -11.08
CA ASP A 275 -0.43 4.42 -11.73
C ASP A 275 0.44 3.60 -12.69
N ARG A 276 1.37 4.25 -13.40
CA ARG A 276 2.15 3.60 -14.44
C ARG A 276 3.48 4.32 -14.59
N MET A 277 4.56 3.57 -14.71
CA MET A 277 5.88 4.17 -14.85
C MET A 277 6.30 4.37 -16.30
N ARG A 278 5.51 3.88 -17.26
CA ARG A 278 5.72 4.18 -18.67
C ARG A 278 4.39 4.48 -19.31
N ASN A 279 4.38 5.49 -20.16
CA ASN A 279 3.15 5.92 -20.84
C ASN A 279 3.62 6.53 -22.17
N GLY A 280 3.70 5.68 -23.20
CA GLY A 280 4.16 6.15 -24.50
C GLY A 280 5.64 6.49 -24.44
N ARG A 281 6.00 7.67 -24.95
CA ARG A 281 7.38 8.10 -24.93
C ARG A 281 7.82 8.70 -23.58
N VAL A 282 6.99 8.61 -22.55
CA VAL A 282 7.26 9.23 -21.25
C VAL A 282 7.45 8.12 -20.22
N ILE A 283 8.51 8.24 -19.43
CA ILE A 283 8.85 7.27 -18.40
C ILE A 283 9.10 8.04 -17.10
N LEU A 284 8.71 7.46 -15.97
CA LEU A 284 8.97 8.03 -14.66
C LEU A 284 9.85 7.11 -13.83
N ILE A 285 10.87 7.68 -13.15
CA ILE A 285 11.77 6.92 -12.28
C ILE A 285 12.06 7.71 -11.00
N GLY A 286 12.54 6.99 -9.99
CA GLY A 286 12.83 7.66 -8.74
C GLY A 286 11.57 8.16 -8.04
N ASP A 287 11.75 9.24 -7.27
CA ASP A 287 10.64 9.79 -6.48
C ASP A 287 9.50 10.32 -7.33
N ALA A 288 9.74 10.62 -8.61
CA ALA A 288 8.65 10.98 -9.50
C ALA A 288 7.69 9.81 -9.70
N ALA A 289 8.18 8.59 -9.54
CA ALA A 289 7.42 7.36 -9.72
C ALA A 289 6.86 6.81 -8.42
N HIS A 290 7.56 6.98 -7.30
CA HIS A 290 7.17 6.36 -6.04
C HIS A 290 7.99 6.99 -4.93
N VAL A 291 7.35 7.13 -3.77
CA VAL A 291 7.98 7.74 -2.60
C VAL A 291 7.77 6.83 -1.40
N THR A 292 8.84 6.61 -0.64
CA THR A 292 8.79 5.87 0.61
C THR A 292 9.41 6.75 1.69
N ASN A 293 9.02 6.52 2.94
CA ASN A 293 9.78 7.11 4.04
C ASN A 293 11.23 6.60 3.95
N PRO A 294 12.19 7.35 4.45
CA PRO A 294 13.62 7.03 4.16
C PRO A 294 14.31 6.11 5.16
N THR A 295 13.59 5.47 6.07
CA THR A 295 14.21 4.61 7.07
C THR A 295 14.80 3.37 6.38
N GLY A 296 16.13 3.25 6.41
CA GLY A 296 16.81 2.22 5.66
C GLY A 296 17.32 2.67 4.32
N GLY A 297 17.03 3.92 3.93
CA GLY A 297 17.56 4.46 2.68
C GLY A 297 17.06 3.75 1.42
N LEU A 298 15.86 3.23 1.45
CA LEU A 298 15.38 2.40 0.35
C LEU A 298 14.76 3.20 -0.79
N GLY A 299 14.37 4.46 -0.56
CA GLY A 299 13.96 5.31 -1.66
C GLY A 299 15.11 5.60 -2.61
N LEU A 300 16.26 5.96 -2.06
CA LEU A 300 17.45 6.17 -2.87
C LEU A 300 17.84 4.90 -3.60
N THR A 301 17.90 3.77 -2.89
CA THR A 301 18.31 2.52 -3.53
C THR A 301 17.34 2.15 -4.65
N GLY A 302 16.05 2.26 -4.40
CA GLY A 302 15.07 1.95 -5.44
C GLY A 302 15.22 2.85 -6.66
N GLY A 303 15.45 4.15 -6.43
CA GLY A 303 15.59 5.07 -7.54
C GLY A 303 16.79 4.74 -8.41
N MET A 304 17.89 4.32 -7.78
CA MET A 304 19.05 3.93 -8.55
C MET A 304 18.79 2.66 -9.35
N PHE A 305 18.05 1.70 -8.76
CA PHE A 305 17.70 0.51 -9.54
C PHE A 305 16.70 0.86 -10.63
N ASP A 306 15.87 1.88 -10.42
CA ASP A 306 15.09 2.41 -11.53
C ASP A 306 16.05 2.81 -12.65
N ALA A 307 17.08 3.58 -12.28
CA ALA A 307 17.99 4.13 -13.27
C ALA A 307 18.73 3.03 -14.02
N PHE A 308 19.24 2.02 -13.30
CA PHE A 308 20.02 0.97 -13.95
C PHE A 308 19.14 0.11 -14.86
N ALA A 309 17.93 -0.24 -14.42
CA ALA A 309 17.09 -1.09 -15.26
C ALA A 309 16.63 -0.33 -16.50
N LEU A 310 16.26 0.94 -16.34
CA LEU A 310 15.81 1.68 -17.51
C LEU A 310 16.94 1.84 -18.51
N THR A 311 18.15 2.11 -18.02
CA THR A 311 19.31 2.26 -18.90
C THR A 311 19.50 1.04 -19.77
N SER A 312 19.43 -0.14 -19.16
CA SER A 312 19.60 -1.39 -19.90
C SER A 312 18.53 -1.55 -20.96
N VAL A 313 17.27 -1.38 -20.57
CA VAL A 313 16.16 -1.63 -21.49
C VAL A 313 16.06 -0.56 -22.57
N LEU A 314 16.26 0.71 -22.20
CA LEU A 314 16.12 1.77 -23.21
C LEU A 314 17.28 1.77 -24.19
N ASN A 315 18.49 1.44 -23.72
CA ASN A 315 19.61 1.27 -24.65
C ASN A 315 19.31 0.19 -25.69
N GLN A 316 18.63 -0.89 -25.28
CA GLN A 316 18.29 -1.95 -26.24
C GLN A 316 17.25 -1.48 -27.25
N VAL A 317 16.24 -0.73 -26.80
CA VAL A 317 15.25 -0.19 -27.73
C VAL A 317 15.91 0.70 -28.76
N ILE A 318 16.84 1.56 -28.33
CA ILE A 318 17.39 2.57 -29.22
C ILE A 318 18.50 2.01 -30.10
N HIS A 319 19.37 1.17 -29.52
CA HIS A 319 20.53 0.69 -30.28
C HIS A 319 20.36 -0.72 -30.84
N ASP A 320 19.60 -1.60 -30.20
CA ASP A 320 19.47 -2.96 -30.68
C ASP A 320 18.13 -3.23 -31.35
N GLY A 321 17.33 -2.19 -31.56
CA GLY A 321 16.02 -2.38 -32.18
C GLY A 321 15.10 -3.30 -31.40
N ARG A 322 15.23 -3.35 -30.08
CA ARG A 322 14.34 -4.19 -29.32
C ARG A 322 12.93 -3.60 -29.30
N SER A 323 11.94 -4.48 -29.25
CA SER A 323 10.54 -4.05 -29.21
C SER A 323 10.27 -3.20 -27.98
N GLU A 324 9.54 -2.10 -28.20
CA GLU A 324 9.20 -1.17 -27.12
C GLU A 324 8.38 -1.82 -26.03
N ASP A 325 7.79 -3.00 -26.27
CA ASP A 325 7.02 -3.69 -25.25
C ASP A 325 7.86 -4.06 -24.04
N ILE A 326 9.19 -4.15 -24.19
CA ILE A 326 10.04 -4.40 -23.04
C ILE A 326 9.90 -3.28 -22.02
N LEU A 327 9.59 -2.05 -22.46
CA LEU A 327 9.38 -0.95 -21.53
C LEU A 327 8.20 -1.23 -20.60
N ASP A 328 7.13 -1.84 -21.14
CA ASP A 328 5.99 -2.20 -20.31
C ASP A 328 6.35 -3.27 -19.30
N VAL A 329 7.18 -4.23 -19.71
CA VAL A 329 7.70 -5.22 -18.77
C VAL A 329 8.52 -4.53 -17.68
N PHE A 330 9.41 -3.62 -18.09
CA PHE A 330 10.19 -2.83 -17.14
C PHE A 330 9.30 -2.12 -16.11
N GLU A 331 8.37 -1.29 -16.60
CA GLU A 331 7.64 -0.40 -15.71
C GLU A 331 6.84 -1.21 -14.70
N ALA A 332 6.23 -2.33 -15.13
CA ALA A 332 5.47 -3.17 -14.21
C ALA A 332 6.37 -3.80 -13.16
N ASP A 333 7.57 -4.27 -13.55
CA ASP A 333 8.43 -4.87 -12.55
C ASP A 333 8.92 -3.83 -11.55
N ARG A 334 9.16 -2.60 -12.00
CA ARG A 334 9.61 -1.58 -11.06
C ARG A 334 8.50 -1.21 -10.09
N ARG A 335 7.24 -1.22 -10.54
CA ARG A 335 6.15 -1.00 -9.61
C ARG A 335 5.98 -2.19 -8.67
N ARG A 336 6.15 -3.42 -9.20
CA ARG A 336 6.05 -4.63 -8.38
C ARG A 336 7.06 -4.62 -7.24
N LYS A 337 8.33 -4.34 -7.54
CA LYS A 337 9.32 -4.22 -6.47
C LYS A 337 8.91 -3.17 -5.44
N PHE A 338 8.53 -1.97 -5.88
CA PHE A 338 8.20 -0.93 -4.90
C PHE A 338 7.00 -1.35 -4.03
N ILE A 339 5.91 -1.76 -4.67
CA ILE A 339 4.67 -2.02 -3.93
C ILE A 339 4.78 -3.28 -3.09
N GLU A 340 5.41 -4.31 -3.62
CA GLU A 340 5.40 -5.60 -2.93
C GLU A 340 6.58 -5.79 -1.99
N LEU A 341 7.71 -5.13 -2.23
CA LEU A 341 8.90 -5.36 -1.40
C LEU A 341 9.35 -4.12 -0.65
N VAL A 342 9.55 -3.01 -1.34
CA VAL A 342 10.18 -1.84 -0.73
C VAL A 342 9.24 -1.16 0.25
N SER A 343 8.05 -0.79 -0.21
CA SER A 343 7.16 -0.01 0.63
C SER A 343 6.80 -0.75 1.92
N PRO A 344 6.46 -2.04 1.92
CA PRO A 344 6.22 -2.73 3.21
C PRO A 344 7.45 -2.78 4.09
N ARG A 345 8.62 -2.99 3.50
CA ARG A 345 9.85 -3.09 4.29
C ARG A 345 10.18 -1.76 4.94
N ALA A 346 10.11 -0.68 4.17
CA ALA A 346 10.41 0.63 4.74
C ALA A 346 9.41 1.00 5.83
N SER A 347 8.14 0.61 5.64
CA SER A 347 7.09 0.91 6.63
C SER A 347 7.35 0.17 7.93
N ASP A 348 7.67 -1.13 7.83
CA ASP A 348 8.10 -1.87 9.02
C ASP A 348 9.34 -1.26 9.66
N ASN A 349 10.31 -0.82 8.84
CA ASN A 349 11.50 -0.15 9.38
C ASN A 349 11.11 1.05 10.25
N LEU A 350 10.31 1.95 9.69
CA LEU A 350 9.89 3.14 10.43
C LEU A 350 9.21 2.74 11.74
N ARG A 351 8.26 1.81 11.68
CA ARG A 351 7.52 1.44 12.87
C ARG A 351 8.42 0.78 13.91
N ASN A 352 9.36 -0.07 13.48
CA ASN A 352 10.20 -0.75 14.47
C ASN A 352 11.20 0.23 15.11
N LEU A 353 11.66 1.22 14.35
CA LEU A 353 12.69 2.11 14.87
C LEU A 353 12.11 3.22 15.75
N TYR A 354 10.96 3.79 15.35
CA TYR A 354 10.45 5.01 15.98
C TYR A 354 9.23 4.83 16.87
N HIS A 355 8.59 3.66 16.90
CA HIS A 355 7.25 3.60 17.44
C HIS A 355 7.01 2.45 18.42
N GLN A 356 8.05 1.75 18.86
CA GLN A 356 7.88 0.67 19.85
C GLN A 356 7.95 1.25 21.25
N LYS A 357 6.79 1.33 21.91
CA LYS A 357 6.73 1.66 23.33
C LYS A 357 7.17 0.46 24.16
N PRO A 358 7.50 0.68 25.44
CA PRO A 358 7.91 -0.46 26.29
C PRO A 358 6.84 -1.55 26.32
N GLY A 359 7.30 -2.79 26.38
CA GLY A 359 6.40 -3.93 26.44
C GLY A 359 7.05 -5.19 25.93
N GLU A 360 6.20 -6.22 25.76
CA GLU A 360 6.69 -7.51 25.29
C GLU A 360 7.21 -7.43 23.87
N GLY A 361 6.48 -6.74 22.98
CA GLY A 361 6.91 -6.60 21.60
C GLY A 361 8.33 -6.07 21.48
N LYS A 362 8.63 -4.95 22.15
CA LYS A 362 9.96 -4.37 22.05
C LYS A 362 11.03 -5.33 22.58
N ASN A 363 10.75 -5.99 23.71
CA ASN A 363 11.70 -6.96 24.25
C ASN A 363 11.94 -8.11 23.29
N ASP A 364 10.87 -8.58 22.64
CA ASP A 364 11.03 -9.64 21.65
C ASP A 364 11.86 -9.17 20.46
N TRP A 365 11.57 -7.95 19.97
CA TRP A 365 12.36 -7.38 18.89
C TRP A 365 13.84 -7.35 19.23
N VAL A 366 14.19 -6.85 20.43
CA VAL A 366 15.60 -6.75 20.82
C VAL A 366 16.23 -8.15 20.96
N ASN A 367 15.57 -9.05 21.69
CA ASN A 367 16.07 -10.42 21.78
C ASN A 367 16.30 -11.03 20.41
N ASN A 368 15.39 -10.78 19.46
CA ASN A 368 15.56 -11.33 18.11
C ASN A 368 16.74 -10.66 17.40
N THR A 369 16.83 -9.33 17.47
CA THR A 369 17.96 -8.63 16.88
C THR A 369 19.29 -9.09 17.46
N ARG A 370 19.34 -9.36 18.77
CA ARG A 370 20.59 -9.84 19.35
C ARG A 370 20.92 -11.24 18.83
N SER A 371 19.90 -12.10 18.71
CA SER A 371 20.11 -13.45 18.22
C SER A 371 20.64 -13.45 16.79
N ILE A 372 20.05 -12.62 15.91
CA ILE A 372 20.56 -12.54 14.54
C ILE A 372 22.03 -12.20 14.54
N SER A 373 22.44 -11.30 15.44
CA SER A 373 23.82 -10.83 15.48
C SER A 373 24.82 -11.93 15.84
N LYS A 374 24.35 -13.02 16.46
CA LYS A 374 25.23 -14.14 16.79
C LYS A 374 25.04 -15.35 15.87
N ASP A 375 24.21 -15.23 14.84
CA ASP A 375 23.96 -16.31 13.90
C ASP A 375 24.27 -15.81 12.49
N ILE A 376 25.39 -16.23 11.91
CA ILE A 376 25.81 -15.67 10.64
C ILE A 376 24.77 -15.90 9.54
N ASP A 377 24.05 -17.03 9.58
CA ASP A 377 23.09 -17.28 8.50
C ASP A 377 21.92 -16.32 8.58
N ARG A 378 21.40 -16.08 9.79
CA ARG A 378 20.33 -15.09 9.94
C ARG A 378 20.84 -13.69 9.66
N MET A 379 22.08 -13.40 10.02
CA MET A 379 22.64 -12.08 9.72
C MET A 379 22.76 -11.87 8.23
N ARG A 380 23.33 -12.86 7.52
CA ARG A 380 23.38 -12.79 6.07
C ARG A 380 22.01 -12.50 5.48
N ASP A 381 21.00 -13.29 5.89
CA ASP A 381 19.65 -13.12 5.35
C ASP A 381 19.08 -11.76 5.68
N ALA A 382 19.28 -11.30 6.93
CA ALA A 382 18.87 -9.95 7.27
C ALA A 382 19.57 -8.91 6.40
N LEU A 383 20.89 -9.05 6.24
CA LEU A 383 21.64 -8.01 5.52
C LEU A 383 21.37 -8.00 4.01
N ARG A 384 20.88 -9.11 3.45
CA ARG A 384 20.82 -9.28 2.00
C ARG A 384 19.66 -8.54 1.32
N PHE A 385 18.72 -7.97 2.09
CA PHE A 385 17.46 -7.48 1.51
C PHE A 385 17.62 -6.59 0.28
N PRO A 386 18.47 -5.55 0.29
CA PRO A 386 18.52 -4.65 -0.87
C PRO A 386 18.75 -5.37 -2.20
N GLU A 387 19.42 -6.52 -2.21
CA GLU A 387 19.63 -7.20 -3.48
C GLU A 387 18.31 -7.63 -4.12
N THR A 388 17.28 -7.89 -3.32
CA THR A 388 15.98 -8.29 -3.87
C THR A 388 15.27 -7.17 -4.61
N MET A 389 15.74 -5.92 -4.47
CA MET A 389 15.06 -4.78 -5.08
C MET A 389 15.42 -4.56 -6.54
N GLU A 390 16.42 -5.29 -7.05
CA GLU A 390 16.90 -5.09 -8.40
C GLU A 390 16.06 -5.90 -9.40
N THR A 391 15.73 -5.26 -10.53
CA THR A 391 14.97 -5.88 -11.59
C THR A 391 15.88 -6.67 -12.52
N PHE A 392 15.54 -7.93 -12.78
CA PHE A 392 16.23 -8.76 -13.77
C PHE A 392 15.21 -9.32 -14.78
N GLN B 5 -27.96 -1.96 -25.54
CA GLN B 5 -26.68 -1.97 -24.83
C GLN B 5 -26.69 -2.97 -23.67
N ARG B 6 -26.34 -4.22 -23.93
CA ARG B 6 -26.39 -5.26 -22.92
C ARG B 6 -25.12 -5.27 -22.08
N VAL B 7 -25.30 -5.38 -20.76
CA VAL B 7 -24.22 -5.44 -19.79
C VAL B 7 -24.11 -6.87 -19.28
N ILE B 8 -22.92 -7.43 -19.35
CA ILE B 8 -22.63 -8.76 -18.82
C ILE B 8 -21.87 -8.59 -17.52
N ILE B 9 -22.37 -9.23 -16.46
CA ILE B 9 -21.72 -9.23 -15.16
C ILE B 9 -21.21 -10.64 -14.91
N VAL B 10 -19.92 -10.76 -14.64
CA VAL B 10 -19.31 -12.05 -14.32
C VAL B 10 -19.17 -12.10 -12.81
N GLY B 11 -20.00 -12.90 -12.16
CA GLY B 11 -19.95 -13.03 -10.72
C GLY B 11 -21.34 -12.98 -10.09
N GLY B 12 -21.69 -14.00 -9.32
CA GLY B 12 -23.02 -14.09 -8.75
C GLY B 12 -23.07 -13.90 -7.24
N GLY B 13 -22.13 -13.12 -6.72
CA GLY B 13 -22.16 -12.70 -5.33
C GLY B 13 -22.89 -11.39 -5.16
N PRO B 14 -22.90 -10.86 -3.92
CA PRO B 14 -23.66 -9.64 -3.65
C PRO B 14 -23.21 -8.45 -4.51
N VAL B 15 -21.91 -8.28 -4.73
CA VAL B 15 -21.45 -7.15 -5.55
C VAL B 15 -22.05 -7.23 -6.95
N GLY B 16 -21.91 -8.38 -7.60
CA GLY B 16 -22.46 -8.56 -8.94
C GLY B 16 -23.99 -8.44 -8.97
N LEU B 17 -24.66 -9.06 -8.00
CA LEU B 17 -26.12 -9.04 -7.97
C LEU B 17 -26.66 -7.66 -7.63
N LEU B 18 -25.95 -6.91 -6.76
CA LEU B 18 -26.38 -5.55 -6.45
C LEU B 18 -26.24 -4.65 -7.67
N THR B 19 -25.11 -4.75 -8.37
CA THR B 19 -24.94 -4.02 -9.62
C THR B 19 -26.02 -4.39 -10.63
N ALA B 20 -26.29 -5.69 -10.76
CA ALA B 20 -27.35 -6.15 -11.65
C ALA B 20 -28.67 -5.44 -11.36
N LEU B 21 -29.05 -5.37 -10.08
CA LEU B 21 -30.36 -4.86 -9.73
C LEU B 21 -30.47 -3.36 -9.98
N GLY B 22 -29.42 -2.62 -9.63
CA GLY B 22 -29.42 -1.19 -9.91
C GLY B 22 -29.50 -0.88 -11.39
N LEU B 23 -28.69 -1.56 -12.20
CA LEU B 23 -28.77 -1.37 -13.65
C LEU B 23 -30.16 -1.75 -14.17
N ALA B 24 -30.67 -2.90 -13.71
CA ALA B 24 -31.94 -3.40 -14.21
C ALA B 24 -33.10 -2.47 -13.89
N LYS B 25 -33.10 -1.89 -12.69
CA LYS B 25 -34.22 -1.04 -12.29
C LYS B 25 -34.31 0.21 -13.17
N ALA B 26 -33.22 0.57 -13.85
CA ALA B 26 -33.25 1.69 -14.78
C ALA B 26 -33.51 1.26 -16.21
N GLY B 27 -33.82 -0.01 -16.44
CA GLY B 27 -34.13 -0.48 -17.77
C GLY B 27 -32.97 -1.09 -18.54
N THR B 28 -31.82 -1.28 -17.92
CA THR B 28 -30.68 -1.90 -18.60
C THR B 28 -30.93 -3.39 -18.80
N ASN B 29 -30.60 -3.88 -20.00
CA ASN B 29 -30.54 -5.31 -20.27
C ASN B 29 -29.26 -5.86 -19.66
N VAL B 30 -29.40 -6.77 -18.70
CA VAL B 30 -28.27 -7.29 -17.93
C VAL B 30 -28.27 -8.81 -18.03
N VAL B 31 -27.08 -9.39 -18.14
CA VAL B 31 -26.87 -10.83 -18.02
C VAL B 31 -25.85 -11.06 -16.91
N VAL B 32 -26.22 -11.90 -15.94
CA VAL B 32 -25.33 -12.26 -14.83
C VAL B 32 -24.91 -13.70 -15.00
N LEU B 33 -23.62 -13.98 -14.83
CA LEU B 33 -23.04 -15.31 -15.06
C LEU B 33 -22.13 -15.68 -13.88
N GLU B 34 -22.55 -16.68 -13.10
CA GLU B 34 -21.78 -17.15 -11.95
C GLU B 34 -21.21 -18.52 -12.26
N ALA B 35 -19.91 -18.69 -12.05
CA ALA B 35 -19.27 -19.98 -12.30
C ALA B 35 -19.94 -21.08 -11.48
N GLU B 36 -20.20 -20.83 -10.21
CA GLU B 36 -20.57 -21.87 -9.25
C GLU B 36 -22.08 -22.15 -9.30
N SER B 37 -22.52 -23.08 -8.46
CA SER B 37 -23.87 -23.61 -8.56
C SER B 37 -24.90 -22.78 -7.81
N GLN B 38 -24.48 -21.89 -6.93
CA GLN B 38 -25.35 -21.16 -6.02
C GLN B 38 -24.48 -20.19 -5.23
N PRO B 39 -25.09 -19.19 -4.58
CA PRO B 39 -24.31 -18.25 -3.78
C PRO B 39 -23.54 -18.93 -2.65
N SER B 40 -22.29 -18.52 -2.50
CA SER B 40 -21.42 -19.05 -1.45
C SER B 40 -22.00 -18.80 -0.06
N ASP B 41 -21.89 -19.81 0.81
CA ASP B 41 -22.15 -19.61 2.24
C ASP B 41 -20.89 -19.83 3.07
N SER B 42 -19.73 -19.82 2.44
CA SER B 42 -18.46 -19.82 3.17
C SER B 42 -18.45 -18.66 4.16
N PRO B 43 -17.89 -18.85 5.36
CA PRO B 43 -17.87 -17.78 6.36
C PRO B 43 -17.10 -16.55 5.88
N ARG B 44 -17.82 -15.44 5.71
CA ARG B 44 -17.24 -14.16 5.30
C ARG B 44 -17.96 -13.03 6.03
N ALA B 45 -17.55 -11.79 5.74
CA ALA B 45 -18.21 -10.63 6.31
C ALA B 45 -19.73 -10.72 6.13
N LEU B 46 -20.44 -10.15 7.09
CA LEU B 46 -21.89 -10.26 7.10
C LEU B 46 -22.54 -9.02 7.69
N VAL B 47 -21.82 -7.92 7.90
CA VAL B 47 -22.37 -6.71 8.50
C VAL B 47 -22.44 -5.61 7.45
N TYR B 48 -23.59 -4.99 7.34
CA TYR B 48 -23.84 -3.89 6.41
C TYR B 48 -23.96 -2.64 7.25
N HIS B 49 -22.96 -1.75 7.14
CA HIS B 49 -22.87 -0.58 8.01
C HIS B 49 -23.88 0.48 7.58
N PHE B 50 -24.08 1.46 8.47
CA PHE B 50 -25.16 2.43 8.28
C PHE B 50 -25.20 3.10 6.90
N PRO B 51 -24.07 3.44 6.24
CA PRO B 51 -24.19 4.14 4.94
C PRO B 51 -24.56 3.24 3.77
N VAL B 52 -24.49 1.91 3.94
CA VAL B 52 -25.01 0.97 2.95
C VAL B 52 -26.53 0.92 3.00
N LEU B 53 -27.10 1.07 4.19
CA LEU B 53 -28.52 0.80 4.37
C LEU B 53 -29.44 1.70 3.54
N PRO B 54 -29.16 2.99 3.35
CA PRO B 54 -30.08 3.77 2.50
C PRO B 54 -30.08 3.29 1.05
N HIS B 55 -28.97 2.73 0.57
CA HIS B 55 -28.94 2.23 -0.80
C HIS B 55 -29.78 0.97 -0.92
N LEU B 56 -29.71 0.08 0.08
CA LEU B 56 -30.57 -1.11 0.09
C LEU B 56 -32.05 -0.73 0.16
N LYS B 57 -32.38 0.37 0.85
CA LYS B 57 -33.77 0.83 0.88
C LYS B 57 -34.18 1.41 -0.46
N ARG B 58 -33.32 2.26 -1.03
CA ARG B 58 -33.56 2.81 -2.36
C ARG B 58 -33.84 1.69 -3.38
N LEU B 59 -33.03 0.62 -3.36
CA LEU B 59 -33.27 -0.51 -4.24
C LEU B 59 -34.46 -1.38 -3.80
N GLY B 60 -34.98 -1.18 -2.59
CA GLY B 60 -36.20 -1.86 -2.18
C GLY B 60 -36.01 -3.25 -1.62
N VAL B 61 -34.81 -3.60 -1.19
CA VAL B 61 -34.55 -4.90 -0.60
C VAL B 61 -34.25 -4.82 0.89
N LEU B 62 -34.21 -3.63 1.47
CA LEU B 62 -33.83 -3.50 2.87
C LEU B 62 -34.83 -4.17 3.79
N ASP B 63 -36.12 -4.11 3.43
CA ASP B 63 -37.18 -4.75 4.19
C ASP B 63 -36.97 -6.27 4.30
N ASP B 64 -36.70 -6.94 3.17
CA ASP B 64 -36.43 -8.37 3.19
C ASP B 64 -35.15 -8.72 3.95
N CYS B 65 -34.18 -7.81 3.97
CA CYS B 65 -32.96 -8.04 4.74
C CYS B 65 -33.25 -8.03 6.23
N VAL B 66 -34.00 -7.02 6.69
CA VAL B 66 -34.32 -6.93 8.11
C VAL B 66 -35.06 -8.17 8.58
N ALA B 67 -36.13 -8.54 7.86
CA ALA B 67 -36.88 -9.74 8.22
C ALA B 67 -35.98 -10.96 8.30
N ALA B 68 -35.00 -11.06 7.39
CA ALA B 68 -34.14 -12.23 7.32
C ALA B 68 -32.96 -12.15 8.29
N GLY B 69 -32.55 -10.96 8.71
CA GLY B 69 -31.39 -10.84 9.58
C GLY B 69 -31.70 -10.13 10.86
N LEU B 70 -30.76 -9.32 11.36
CA LEU B 70 -31.06 -8.48 12.51
C LEU B 70 -30.38 -7.12 12.39
N MET B 71 -31.03 -6.12 12.97
CA MET B 71 -30.51 -4.78 13.10
C MET B 71 -30.09 -4.55 14.54
N ARG B 72 -29.05 -3.74 14.71
CA ARG B 72 -28.55 -3.44 16.05
C ARG B 72 -27.76 -2.14 15.99
N GLN B 73 -27.44 -1.63 17.17
CA GLN B 73 -26.70 -0.37 17.33
C GLN B 73 -25.46 -0.58 18.20
N ASN B 74 -25.55 -1.51 19.15
CA ASN B 74 -24.49 -1.75 20.11
C ASN B 74 -23.27 -2.41 19.46
N PHE B 75 -22.11 -2.20 20.08
CA PHE B 75 -20.82 -2.66 19.60
C PHE B 75 -19.90 -2.69 20.80
N ALA B 76 -19.11 -3.76 20.95
CA ALA B 76 -18.25 -3.94 22.11
C ALA B 76 -16.82 -4.26 21.72
N TRP B 77 -15.88 -3.64 22.42
CA TRP B 77 -14.49 -4.07 22.42
C TRP B 77 -14.28 -4.84 23.72
N ARG B 78 -13.67 -6.01 23.63
CA ARG B 78 -13.38 -6.81 24.81
C ARG B 78 -11.88 -7.01 24.91
N VAL B 79 -11.33 -6.74 26.09
CA VAL B 79 -9.90 -6.93 26.34
C VAL B 79 -9.74 -8.31 26.96
N HIS B 80 -9.08 -9.22 26.23
CA HIS B 80 -9.05 -10.61 26.66
C HIS B 80 -8.34 -10.75 28.01
N SER B 81 -7.24 -10.02 28.19
CA SER B 81 -6.42 -10.13 29.41
C SER B 81 -7.17 -9.70 30.66
N THR B 82 -8.07 -8.73 30.56
CA THR B 82 -8.78 -8.16 31.71
C THR B 82 -10.29 -8.45 31.73
N SER B 83 -10.81 -9.09 30.68
CA SER B 83 -12.24 -9.29 30.49
C SER B 83 -13.05 -7.98 30.50
N GLU B 84 -12.41 -6.83 30.33
CA GLU B 84 -13.16 -5.57 30.30
C GLU B 84 -13.95 -5.46 29.01
N MET B 85 -15.21 -5.07 29.13
CA MET B 85 -16.08 -4.79 27.99
C MET B 85 -16.28 -3.28 27.87
N ILE B 86 -16.03 -2.73 26.68
CA ILE B 86 -16.18 -1.31 26.41
C ILE B 86 -17.11 -1.18 25.22
N PHE B 87 -18.27 -0.54 25.45
CA PHE B 87 -19.33 -0.51 24.46
C PHE B 87 -19.35 0.83 23.74
N TRP B 88 -19.45 0.79 22.41
CA TRP B 88 -19.78 1.94 21.58
C TRP B 88 -21.15 1.70 20.99
N ASP B 89 -21.90 2.78 20.71
CA ASP B 89 -23.31 2.64 20.37
C ASP B 89 -23.66 3.57 19.24
N LEU B 90 -24.21 2.99 18.15
CA LEU B 90 -24.55 3.74 16.96
C LEU B 90 -25.68 4.75 17.17
N SER B 91 -26.50 4.61 18.22
CA SER B 91 -27.55 5.60 18.43
C SER B 91 -27.01 7.01 18.66
N CYS B 92 -25.70 7.17 18.85
CA CYS B 92 -25.12 8.52 18.84
C CYS B 92 -25.11 9.14 17.44
N LEU B 93 -25.55 8.41 16.43
CA LEU B 93 -25.69 8.96 15.10
C LEU B 93 -27.13 9.25 14.76
N GLU B 94 -28.05 9.01 15.70
CA GLU B 94 -29.48 9.12 15.44
C GLU B 94 -29.86 10.39 14.70
N GLY B 95 -29.23 11.52 15.04
CA GLY B 95 -29.64 12.76 14.42
C GLY B 95 -29.03 13.04 13.06
N ASP B 96 -27.89 12.44 12.74
CA ASP B 96 -27.11 12.85 11.59
C ASP B 96 -27.13 11.89 10.42
N VAL B 97 -27.47 10.62 10.63
CA VAL B 97 -27.63 9.67 9.54
C VAL B 97 -29.08 9.17 9.58
N GLU B 98 -29.62 8.86 8.40
CA GLU B 98 -31.03 8.49 8.30
C GLU B 98 -31.31 7.07 8.79
N LEU B 99 -30.32 6.19 8.83
CA LEU B 99 -30.50 4.80 9.24
C LEU B 99 -29.34 4.39 10.16
N PRO B 100 -29.36 4.85 11.42
CA PRO B 100 -28.22 4.62 12.35
C PRO B 100 -28.21 3.21 12.95
N TYR B 101 -27.96 2.23 12.08
CA TYR B 101 -28.03 0.81 12.43
C TYR B 101 -26.90 0.05 11.76
N ALA B 102 -26.66 -1.17 12.26
CA ALA B 102 -25.84 -2.15 11.57
C ALA B 102 -26.70 -3.39 11.29
N LEU B 103 -26.64 -3.87 10.06
CA LEU B 103 -27.42 -5.01 9.62
C LEU B 103 -26.53 -6.24 9.60
N HIS B 104 -26.93 -7.27 10.33
CA HIS B 104 -26.26 -8.58 10.29
C HIS B 104 -27.06 -9.52 9.39
N LEU B 105 -26.43 -10.03 8.33
CA LEU B 105 -27.09 -10.95 7.42
C LEU B 105 -26.06 -11.67 6.56
N GLY B 106 -26.05 -13.02 6.59
CA GLY B 106 -25.15 -13.77 5.75
C GLY B 106 -25.19 -13.35 4.29
N GLN B 107 -24.04 -13.26 3.63
CA GLN B 107 -24.03 -12.81 2.24
C GLN B 107 -24.82 -13.74 1.33
N ASP B 108 -24.82 -15.05 1.61
CA ASP B 108 -25.63 -15.98 0.83
C ASP B 108 -27.11 -15.65 0.95
N LYS B 109 -27.55 -15.31 2.17
CA LYS B 109 -28.95 -14.93 2.33
C LYS B 109 -29.24 -13.61 1.64
N LEU B 110 -28.30 -12.67 1.70
CA LEU B 110 -28.45 -11.44 0.91
C LEU B 110 -28.58 -11.76 -0.57
N SER B 111 -27.65 -12.56 -1.11
CA SER B 111 -27.69 -12.92 -2.52
C SER B 111 -29.02 -13.55 -2.92
N ARG B 112 -29.62 -14.35 -2.04
CA ARG B 112 -30.86 -15.05 -2.40
C ARG B 112 -32.03 -14.07 -2.48
N ILE B 113 -32.07 -13.08 -1.60
CA ILE B 113 -33.07 -12.03 -1.68
C ILE B 113 -32.92 -11.25 -2.99
N LEU B 114 -31.68 -10.89 -3.35
CA LEU B 114 -31.45 -10.18 -4.60
C LEU B 114 -31.86 -11.02 -5.80
N ILE B 115 -31.70 -12.34 -5.72
CA ILE B 115 -32.11 -13.20 -6.82
C ILE B 115 -33.63 -13.12 -7.02
N GLU B 116 -34.39 -13.08 -5.92
CA GLU B 116 -35.83 -13.00 -6.01
C GLU B 116 -36.28 -11.70 -6.66
N HIS B 117 -35.68 -10.57 -6.27
CA HIS B 117 -36.06 -9.30 -6.89
C HIS B 117 -35.68 -9.26 -8.36
N LEU B 118 -34.56 -9.88 -8.75
CA LEU B 118 -34.16 -9.88 -10.16
C LEU B 118 -35.12 -10.71 -11.02
N LYS B 119 -35.74 -11.73 -10.45
CA LYS B 119 -36.71 -12.50 -11.23
C LYS B 119 -37.85 -11.63 -11.75
N ALA B 120 -38.24 -10.60 -11.00
CA ALA B 120 -39.39 -9.78 -11.39
C ALA B 120 -39.11 -8.90 -12.59
N LEU B 121 -37.84 -8.72 -12.95
CA LEU B 121 -37.46 -7.84 -14.04
C LEU B 121 -37.13 -8.70 -15.24
N PRO B 122 -37.96 -8.69 -16.29
CA PRO B 122 -37.70 -9.56 -17.44
C PRO B 122 -36.42 -9.20 -18.19
N ASN B 123 -35.91 -7.99 -18.00
CA ASN B 123 -34.72 -7.55 -18.70
C ASN B 123 -33.43 -8.03 -18.05
N VAL B 124 -33.49 -8.98 -17.11
CA VAL B 124 -32.29 -9.57 -16.52
C VAL B 124 -32.40 -11.08 -16.58
N GLU B 125 -31.29 -11.72 -16.90
CA GLU B 125 -31.14 -13.16 -16.82
C GLU B 125 -30.03 -13.47 -15.85
N VAL B 126 -30.24 -14.47 -14.99
CA VAL B 126 -29.25 -14.86 -13.99
C VAL B 126 -28.91 -16.33 -14.24
N ARG B 127 -27.72 -16.59 -14.78
CA ARG B 127 -27.28 -17.94 -15.11
C ARG B 127 -26.20 -18.36 -14.12
N TYR B 128 -26.52 -19.34 -13.27
CA TYR B 128 -25.55 -19.95 -12.37
C TYR B 128 -24.96 -21.20 -13.02
N SER B 129 -23.97 -21.81 -12.35
CA SER B 129 -23.18 -22.91 -12.92
C SER B 129 -22.84 -22.64 -14.38
N SER B 130 -22.28 -21.46 -14.63
CA SER B 130 -21.94 -21.03 -16.00
C SER B 130 -20.60 -20.30 -15.98
N PRO B 131 -19.52 -21.05 -15.77
CA PRO B 131 -18.18 -20.42 -15.80
C PRO B 131 -17.82 -19.94 -17.19
N VAL B 132 -17.25 -18.75 -17.26
CA VAL B 132 -16.67 -18.24 -18.50
C VAL B 132 -15.34 -18.94 -18.72
N VAL B 133 -15.10 -19.41 -19.95
CA VAL B 133 -13.88 -20.14 -20.26
C VAL B 133 -13.12 -19.44 -21.38
N ASP B 134 -13.82 -18.73 -22.25
CA ASP B 134 -13.16 -17.91 -23.26
C ASP B 134 -13.84 -16.56 -23.36
N CYS B 135 -13.09 -15.55 -23.78
CA CYS B 135 -13.61 -14.19 -23.88
C CYS B 135 -12.86 -13.41 -24.95
N GLU B 136 -13.62 -12.66 -25.76
CA GLU B 136 -13.05 -11.71 -26.71
C GLU B 136 -13.55 -10.32 -26.37
N VAL B 137 -12.64 -9.35 -26.34
CA VAL B 137 -12.96 -7.99 -25.96
C VAL B 137 -12.54 -7.07 -27.10
N GLY B 138 -13.49 -6.26 -27.56
CA GLY B 138 -13.23 -5.34 -28.64
C GLY B 138 -13.35 -3.91 -28.18
N PRO B 139 -13.05 -2.98 -29.08
CA PRO B 139 -13.16 -1.57 -28.71
C PRO B 139 -14.56 -1.16 -28.31
N ARG B 140 -15.58 -1.87 -28.80
CA ARG B 140 -16.95 -1.41 -28.57
C ARG B 140 -17.93 -2.55 -28.32
N SER B 141 -17.46 -3.76 -28.03
CA SER B 141 -18.34 -4.87 -27.71
C SER B 141 -17.53 -5.98 -27.04
N VAL B 142 -18.23 -6.90 -26.37
CA VAL B 142 -17.60 -8.04 -25.72
C VAL B 142 -18.40 -9.31 -26.02
N ARG B 143 -17.70 -10.44 -25.94
CA ARG B 143 -18.29 -11.75 -26.19
C ARG B 143 -17.67 -12.75 -25.23
N VAL B 144 -18.49 -13.63 -24.66
CA VAL B 144 -17.99 -14.70 -23.82
C VAL B 144 -18.61 -16.03 -24.25
N VAL B 145 -17.93 -17.13 -23.90
CA VAL B 145 -18.40 -18.48 -24.18
C VAL B 145 -18.36 -19.25 -22.87
N LEU B 146 -19.44 -19.97 -22.58
CA LEU B 146 -19.66 -20.53 -21.26
C LEU B 146 -19.34 -22.02 -21.21
N GLY B 147 -18.84 -22.45 -20.06
CA GLY B 147 -18.81 -23.86 -19.69
C GLY B 147 -19.99 -24.22 -18.82
N GLY B 148 -19.77 -25.16 -17.91
CA GLY B 148 -20.77 -25.52 -16.92
C GLY B 148 -22.06 -26.02 -17.55
N GLU B 149 -23.15 -25.87 -16.80
CA GLU B 149 -24.48 -26.30 -17.25
C GLU B 149 -25.07 -25.37 -18.31
N SER B 150 -24.24 -24.91 -19.25
CA SER B 150 -24.61 -24.05 -20.37
C SER B 150 -23.47 -24.07 -21.39
N PRO B 151 -23.01 -25.24 -21.82
CA PRO B 151 -21.73 -25.32 -22.53
C PRO B 151 -21.87 -24.97 -24.01
N GLY B 152 -20.90 -24.19 -24.49
CA GLY B 152 -20.93 -23.68 -25.84
C GLY B 152 -21.79 -22.46 -26.04
N VAL B 153 -22.50 -22.01 -25.00
CA VAL B 153 -23.37 -20.86 -25.11
C VAL B 153 -22.54 -19.59 -25.33
N ILE B 154 -23.01 -18.74 -26.23
CA ILE B 154 -22.32 -17.51 -26.59
C ILE B 154 -23.15 -16.33 -26.11
N VAL B 155 -22.54 -15.46 -25.31
CA VAL B 155 -23.19 -14.28 -24.76
C VAL B 155 -22.44 -13.04 -25.24
N GLU B 156 -23.15 -12.15 -25.92
CA GLU B 156 -22.59 -10.89 -26.40
C GLU B 156 -23.21 -9.72 -25.67
N GLY B 157 -22.43 -8.64 -25.55
CA GLY B 157 -22.89 -7.44 -24.87
C GLY B 157 -22.02 -6.25 -25.25
N ASP B 158 -22.39 -5.09 -24.70
CA ASP B 158 -21.63 -3.85 -24.87
C ASP B 158 -20.66 -3.58 -23.73
N TRP B 159 -20.86 -4.18 -22.56
CA TRP B 159 -20.00 -3.93 -21.41
C TRP B 159 -19.74 -5.24 -20.68
N LEU B 160 -18.55 -5.36 -20.10
CA LEU B 160 -18.19 -6.51 -19.27
C LEU B 160 -17.76 -6.00 -17.90
N ILE B 161 -18.45 -6.45 -16.86
CA ILE B 161 -18.12 -6.07 -15.48
C ILE B 161 -17.59 -7.31 -14.78
N GLY B 162 -16.34 -7.23 -14.34
CA GLY B 162 -15.77 -8.30 -13.55
C GLY B 162 -16.04 -8.10 -12.08
N ALA B 163 -16.91 -8.94 -11.53
CA ALA B 163 -17.29 -8.95 -10.13
C ALA B 163 -17.12 -10.36 -9.57
N ASP B 164 -16.08 -11.06 -10.06
CA ASP B 164 -15.90 -12.48 -9.82
C ASP B 164 -14.78 -12.78 -8.83
N GLY B 165 -14.49 -11.87 -7.91
CA GLY B 165 -13.72 -12.20 -6.72
C GLY B 165 -12.21 -12.09 -6.87
N ALA B 166 -11.54 -12.50 -5.78
CA ALA B 166 -10.11 -12.21 -5.63
C ALA B 166 -9.27 -12.87 -6.72
N ASN B 167 -9.66 -14.04 -7.18
CA ASN B 167 -8.93 -14.74 -8.26
C ASN B 167 -9.66 -14.58 -9.59
N SER B 168 -9.91 -13.32 -9.95
CA SER B 168 -10.82 -12.99 -11.03
C SER B 168 -10.30 -13.42 -12.39
N PHE B 169 -11.11 -14.18 -13.12
CA PHE B 169 -10.83 -14.45 -14.53
C PHE B 169 -10.72 -13.16 -15.34
N VAL B 170 -11.62 -12.22 -15.12
CA VAL B 170 -11.65 -11.00 -15.94
C VAL B 170 -10.37 -10.20 -15.74
N ARG B 171 -9.96 -9.99 -14.48
CA ARG B 171 -8.72 -9.25 -14.22
C ARG B 171 -7.52 -9.99 -14.80
N ARG B 172 -7.35 -11.27 -14.44
CA ARG B 172 -6.12 -12.00 -14.79
C ARG B 172 -6.07 -12.33 -16.29
N GLU B 173 -7.14 -12.89 -16.84
CA GLU B 173 -7.10 -13.47 -18.19
C GLU B 173 -7.60 -12.54 -19.29
N VAL B 174 -8.69 -11.81 -19.06
CA VAL B 174 -9.20 -10.89 -20.07
C VAL B 174 -8.35 -9.63 -20.15
N LEU B 175 -8.08 -9.00 -19.00
CA LEU B 175 -7.33 -7.75 -18.99
C LEU B 175 -5.83 -7.95 -18.82
N ASN B 176 -5.42 -9.12 -18.31
CA ASN B 176 -4.03 -9.38 -17.91
C ASN B 176 -3.48 -8.23 -17.07
N GLN B 177 -4.23 -7.88 -16.04
CA GLN B 177 -3.78 -6.86 -15.11
C GLN B 177 -3.10 -7.50 -13.91
N ASN B 178 -2.28 -6.70 -13.23
CA ASN B 178 -1.58 -7.18 -12.05
C ASN B 178 -2.47 -7.04 -10.81
N PHE B 179 -1.98 -7.57 -9.70
CA PHE B 179 -2.68 -7.50 -8.42
C PHE B 179 -1.64 -7.28 -7.33
N PHE B 180 -0.90 -6.18 -7.44
CA PHE B 180 0.24 -5.94 -6.57
C PHE B 180 -0.22 -5.64 -5.15
N GLY B 181 0.55 -6.13 -4.19
CA GLY B 181 0.33 -5.79 -2.80
C GLY B 181 1.08 -6.77 -1.92
N ILE B 182 0.49 -7.06 -0.75
CA ILE B 182 1.11 -7.90 0.26
C ILE B 182 0.13 -8.98 0.67
N THR B 183 0.68 -10.09 1.16
CA THR B 183 -0.08 -11.15 1.83
C THR B 183 0.35 -11.18 3.28
N TRP B 184 -0.61 -11.22 4.20
CA TRP B 184 -0.27 -11.24 5.61
C TRP B 184 0.34 -12.60 5.99
N PRO B 185 1.25 -12.61 6.98
CA PRO B 185 1.93 -13.88 7.31
C PRO B 185 1.04 -14.94 7.96
N GLN B 186 -0.03 -14.55 8.65
CA GLN B 186 -0.83 -15.52 9.41
C GLN B 186 -2.02 -16.08 8.63
N ARG B 187 -2.32 -17.35 8.87
CA ARG B 187 -3.56 -17.95 8.41
C ARG B 187 -4.74 -17.40 9.22
N TYR B 188 -5.79 -16.98 8.52
CA TYR B 188 -7.03 -16.52 9.12
C TYR B 188 -8.02 -17.67 9.12
N VAL B 189 -8.63 -17.93 10.28
CA VAL B 189 -9.54 -19.04 10.45
C VAL B 189 -10.85 -18.46 10.96
N ALA B 190 -11.88 -18.52 10.12
CA ALA B 190 -13.19 -17.94 10.41
C ALA B 190 -14.14 -19.10 10.63
N THR B 191 -14.62 -19.23 11.86
CA THR B 191 -15.58 -20.26 12.19
C THR B 191 -16.98 -19.66 12.29
N ASN B 192 -17.98 -20.47 11.98
CA ASN B 192 -19.34 -20.25 12.44
C ASN B 192 -19.56 -21.20 13.60
N THR B 193 -19.74 -20.64 14.79
CA THR B 193 -19.77 -21.41 16.03
C THR B 193 -21.07 -21.13 16.77
N ARG B 194 -21.78 -22.18 17.16
CA ARG B 194 -22.96 -22.02 17.98
C ARG B 194 -22.52 -21.89 19.44
N PHE B 195 -22.72 -20.71 20.01
CA PHE B 195 -22.29 -20.43 21.38
C PHE B 195 -23.08 -19.25 21.89
N ASP B 196 -23.53 -19.36 23.14
CA ASP B 196 -24.48 -18.41 23.73
C ASP B 196 -23.75 -17.18 24.25
N PHE B 197 -23.32 -16.34 23.30
CA PHE B 197 -22.69 -15.08 23.67
C PHE B 197 -23.71 -14.08 24.22
N ASP B 198 -24.98 -14.21 23.79
CA ASP B 198 -26.04 -13.30 24.21
C ASP B 198 -26.18 -13.26 25.73
N LYS B 199 -26.15 -14.42 26.38
CA LYS B 199 -26.35 -14.42 27.82
C LYS B 199 -25.14 -13.88 28.60
N LEU B 200 -24.03 -13.57 27.93
CA LEU B 200 -22.86 -13.01 28.59
C LEU B 200 -22.72 -11.51 28.36
N GLY B 201 -23.71 -10.88 27.73
CA GLY B 201 -23.69 -9.44 27.52
C GLY B 201 -22.91 -8.96 26.31
N PHE B 202 -22.46 -9.86 25.43
CA PHE B 202 -21.63 -9.45 24.31
C PHE B 202 -22.38 -8.47 23.41
N GLY B 203 -21.62 -7.60 22.75
CA GLY B 203 -22.20 -6.83 21.66
C GLY B 203 -22.45 -7.71 20.45
N LYS B 204 -23.48 -7.35 19.68
CA LYS B 204 -23.81 -8.16 18.51
C LYS B 204 -22.62 -8.29 17.58
N THR B 205 -21.78 -7.26 17.50
CA THR B 205 -20.39 -7.41 17.08
C THR B 205 -19.51 -7.13 18.30
N THR B 206 -18.64 -8.07 18.65
CA THR B 206 -17.67 -7.91 19.71
C THR B 206 -16.28 -8.16 19.13
N MET B 207 -15.34 -7.26 19.38
CA MET B 207 -14.00 -7.44 18.87
C MET B 207 -13.05 -7.64 20.05
N GLN B 208 -12.52 -8.85 20.16
CA GLN B 208 -11.70 -9.28 21.28
C GLN B 208 -10.24 -8.97 20.98
N VAL B 209 -9.61 -8.18 21.84
CA VAL B 209 -8.27 -7.67 21.61
C VAL B 209 -7.27 -8.51 22.41
N ASP B 210 -6.29 -9.08 21.69
CA ASP B 210 -5.24 -9.93 22.28
C ASP B 210 -4.14 -10.12 21.25
N ASP B 211 -3.00 -10.60 21.73
CA ASP B 211 -1.95 -10.94 20.79
C ASP B 211 -1.99 -12.41 20.38
N VAL B 212 -2.69 -13.27 21.11
CA VAL B 212 -2.84 -14.68 20.75
C VAL B 212 -4.30 -15.02 20.44
N TYR B 213 -5.22 -14.61 21.30
CA TYR B 213 -6.63 -14.97 21.17
C TYR B 213 -7.48 -13.79 20.71
N GLY B 214 -6.93 -12.97 19.82
CA GLY B 214 -7.72 -11.95 19.17
C GLY B 214 -8.83 -12.56 18.33
N SER B 215 -9.95 -11.87 18.25
CA SER B 215 -11.11 -12.50 17.62
C SER B 215 -12.18 -11.47 17.28
N VAL B 216 -12.77 -11.67 16.11
CA VAL B 216 -14.01 -10.98 15.71
C VAL B 216 -15.15 -11.92 16.07
N ILE B 217 -16.05 -11.46 16.95
CA ILE B 217 -17.20 -12.26 17.41
C ILE B 217 -18.47 -11.52 17.01
N CYS B 218 -19.19 -12.07 16.03
CA CYS B 218 -20.25 -11.31 15.36
C CYS B 218 -21.46 -12.23 15.10
N ASN B 219 -22.64 -11.81 15.57
CA ASN B 219 -23.83 -12.66 15.55
C ASN B 219 -24.34 -12.87 14.12
N ILE B 220 -24.63 -14.13 13.77
CA ILE B 220 -25.04 -14.50 12.42
C ILE B 220 -26.56 -14.67 12.31
N ASP B 221 -27.17 -15.44 13.21
CA ASP B 221 -28.63 -15.58 13.19
C ASP B 221 -29.15 -15.63 14.63
N ALA B 222 -30.39 -16.11 14.79
CA ALA B 222 -31.07 -16.10 16.07
C ALA B 222 -30.92 -17.41 16.85
N ASP B 223 -30.22 -18.40 16.31
CA ASP B 223 -29.95 -19.67 17.00
C ASP B 223 -28.59 -19.68 17.68
N SER B 224 -28.14 -18.53 18.21
CA SER B 224 -26.83 -18.39 18.85
C SER B 224 -25.70 -18.85 17.95
N LEU B 225 -25.89 -18.76 16.64
CA LEU B 225 -24.79 -18.93 15.71
C LEU B 225 -24.00 -17.62 15.60
N TRP B 226 -22.70 -17.68 15.88
CA TRP B 226 -21.85 -16.50 15.82
C TRP B 226 -20.61 -16.78 15.00
N ARG B 227 -20.12 -15.75 14.32
CA ARG B 227 -18.77 -15.78 13.76
C ARG B 227 -17.75 -15.64 14.87
N VAL B 228 -16.74 -16.51 14.88
CA VAL B 228 -15.61 -16.43 15.79
C VAL B 228 -14.35 -16.71 14.96
N THR B 229 -13.40 -15.77 14.97
CA THR B 229 -12.16 -15.88 14.22
C THR B 229 -10.98 -16.10 15.15
N PHE B 230 -9.86 -16.49 14.55
CA PHE B 230 -8.55 -16.43 15.19
C PHE B 230 -7.48 -16.60 14.13
N MET B 231 -6.26 -16.18 14.47
CA MET B 231 -5.09 -16.30 13.62
C MET B 231 -4.24 -17.50 14.04
N GLU B 232 -3.57 -18.12 13.06
CA GLU B 232 -2.64 -19.18 13.38
C GLU B 232 -1.54 -19.19 12.33
N ASP B 233 -0.41 -19.80 12.69
CA ASP B 233 0.71 -19.93 11.77
C ASP B 233 0.33 -20.80 10.58
N PRO B 234 0.49 -20.32 9.34
CA PRO B 234 0.00 -21.08 8.17
C PRO B 234 0.84 -22.32 7.87
N ASN B 235 1.98 -22.50 8.53
CA ASN B 235 2.78 -23.70 8.34
C ASN B 235 2.24 -24.90 9.12
N LEU B 236 1.19 -24.72 9.90
CA LEU B 236 0.55 -25.85 10.54
C LEU B 236 -0.23 -26.65 9.50
N PRO B 237 -0.23 -27.98 9.59
CA PRO B 237 -0.86 -28.79 8.55
C PRO B 237 -2.35 -28.50 8.46
N MET B 238 -2.85 -28.41 7.23
CA MET B 238 -4.26 -28.14 7.02
C MET B 238 -5.15 -29.19 7.67
N GLU B 239 -4.62 -30.40 7.86
CA GLU B 239 -5.45 -31.53 8.24
C GLU B 239 -5.89 -31.51 9.70
N GLY B 240 -5.08 -30.94 10.59
CA GLY B 240 -5.44 -30.95 12.01
C GLY B 240 -6.17 -29.73 12.51
N ILE B 241 -6.71 -28.91 11.60
CA ILE B 241 -7.27 -27.62 11.97
C ILE B 241 -8.45 -27.77 12.92
N ARG B 242 -9.28 -28.80 12.73
CA ARG B 242 -10.43 -28.95 13.62
C ARG B 242 -9.98 -29.19 15.05
N GLY B 243 -8.97 -30.04 15.26
CA GLY B 243 -8.43 -30.22 16.59
C GLY B 243 -7.82 -28.94 17.14
N ARG B 244 -7.18 -28.15 16.29
CA ARG B 244 -6.62 -26.89 16.75
C ARG B 244 -7.71 -25.91 17.15
N ILE B 245 -8.84 -25.92 16.43
CA ILE B 245 -9.97 -25.06 16.82
C ILE B 245 -10.34 -25.33 18.27
N ASP B 246 -10.39 -26.61 18.66
CA ASP B 246 -10.74 -26.94 20.04
C ASP B 246 -9.70 -26.43 21.02
N GLN B 247 -8.41 -26.60 20.69
CA GLN B 247 -7.37 -26.08 21.56
C GLN B 247 -7.48 -24.57 21.72
N VAL B 248 -7.69 -23.84 20.63
CA VAL B 248 -7.76 -22.39 20.71
C VAL B 248 -8.98 -21.95 21.52
N PHE B 249 -10.14 -22.56 21.24
CA PHE B 249 -11.38 -22.16 21.90
C PHE B 249 -11.35 -22.41 23.40
N LYS B 250 -10.47 -23.31 23.86
CA LYS B 250 -10.28 -23.53 25.31
C LYS B 250 -10.01 -22.22 26.05
N GLU B 251 -9.21 -21.34 25.46
CA GLU B 251 -8.92 -20.06 26.10
C GLU B 251 -9.56 -18.87 25.40
N LEU B 252 -9.97 -19.02 24.14
CA LEU B 252 -10.53 -17.88 23.41
C LEU B 252 -11.93 -17.56 23.92
N LEU B 253 -12.78 -18.56 24.04
CA LEU B 253 -14.15 -18.30 24.44
C LEU B 253 -14.19 -17.78 25.87
N PRO B 254 -15.21 -16.97 26.20
CA PRO B 254 -15.21 -16.30 27.51
C PRO B 254 -15.56 -17.19 28.68
N THR B 255 -16.18 -18.34 28.45
CA THR B 255 -16.52 -19.29 29.50
C THR B 255 -16.18 -20.69 29.01
N ASN B 256 -16.34 -21.66 29.92
CA ASN B 256 -16.24 -23.07 29.58
C ASN B 256 -17.57 -23.68 29.15
N ASP B 257 -18.54 -22.84 28.77
CA ASP B 257 -19.85 -23.32 28.31
C ASP B 257 -19.70 -24.10 27.00
N PRO B 258 -20.66 -24.96 26.67
CA PRO B 258 -20.51 -25.79 25.47
C PRO B 258 -20.69 -24.97 24.21
N TYR B 259 -20.05 -25.43 23.14
CA TYR B 259 -20.16 -24.80 21.82
C TYR B 259 -20.24 -25.88 20.75
N GLU B 260 -20.72 -25.47 19.57
CA GLU B 260 -20.74 -26.33 18.40
C GLU B 260 -20.10 -25.59 17.24
N VAL B 261 -19.00 -26.12 16.72
CA VAL B 261 -18.41 -25.60 15.48
C VAL B 261 -19.26 -26.12 14.32
N VAL B 262 -20.02 -25.22 13.72
CA VAL B 262 -20.92 -25.57 12.61
C VAL B 262 -20.19 -25.55 11.28
N ALA B 263 -19.26 -24.61 11.10
CA ALA B 263 -18.50 -24.49 9.87
C ALA B 263 -17.27 -23.65 10.15
N PHE B 264 -16.26 -23.82 9.30
CA PHE B 264 -15.03 -23.05 9.37
C PHE B 264 -14.38 -23.07 8.00
N SER B 265 -13.55 -22.06 7.75
CA SER B 265 -12.75 -22.09 6.54
C SER B 265 -11.48 -21.27 6.75
N PRO B 266 -10.34 -21.77 6.28
CA PRO B 266 -9.09 -21.01 6.40
C PRO B 266 -8.88 -20.10 5.20
N TYR B 267 -8.26 -18.96 5.48
CA TYR B 267 -7.95 -17.96 4.46
C TYR B 267 -6.55 -17.42 4.66
N ARG B 268 -5.88 -17.12 3.55
CA ARG B 268 -4.81 -16.13 3.55
C ARG B 268 -5.42 -14.77 3.21
N MET B 269 -4.87 -13.73 3.82
CA MET B 269 -5.43 -12.39 3.71
C MET B 269 -4.45 -11.50 2.96
N HIS B 270 -4.98 -10.53 2.21
CA HIS B 270 -4.15 -9.69 1.36
C HIS B 270 -4.54 -8.22 1.48
N GLN B 271 -3.60 -7.34 1.13
CA GLN B 271 -3.88 -5.94 0.81
C GLN B 271 -3.36 -5.75 -0.61
N ARG B 272 -4.26 -5.82 -1.59
CA ARG B 272 -3.86 -5.75 -2.99
C ARG B 272 -4.88 -4.95 -3.79
N VAL B 273 -4.43 -4.38 -4.92
CA VAL B 273 -5.30 -3.62 -5.79
C VAL B 273 -4.77 -3.73 -7.22
N THR B 274 -5.68 -3.71 -8.18
CA THR B 274 -5.27 -3.82 -9.58
C THR B 274 -4.86 -2.44 -10.10
N ASP B 275 -4.34 -2.41 -11.34
CA ASP B 275 -3.80 -1.18 -11.91
C ASP B 275 -4.91 -0.20 -12.26
N ARG B 276 -6.05 -0.69 -12.75
CA ARG B 276 -7.16 0.18 -13.11
C ARG B 276 -8.44 -0.61 -13.02
N MET B 277 -9.52 0.05 -12.58
CA MET B 277 -10.82 -0.59 -12.49
C MET B 277 -11.69 -0.30 -13.71
N ARG B 278 -11.11 0.23 -14.78
CA ARG B 278 -11.81 0.41 -16.04
C ARG B 278 -10.80 0.45 -17.17
N ASN B 279 -11.07 -0.30 -18.24
CA ASN B 279 -10.20 -0.32 -19.41
C ASN B 279 -11.09 -0.63 -20.62
N GLY B 280 -11.43 0.42 -21.37
CA GLY B 280 -12.36 0.25 -22.47
C GLY B 280 -13.71 -0.19 -21.92
N ARG B 281 -14.23 -1.27 -22.48
CA ARG B 281 -15.56 -1.75 -22.13
C ARG B 281 -15.55 -2.73 -20.94
N VAL B 282 -14.42 -2.91 -20.27
CA VAL B 282 -14.30 -3.84 -19.15
C VAL B 282 -14.12 -3.04 -17.86
N ILE B 283 -14.88 -3.41 -16.84
CA ILE B 283 -14.82 -2.77 -15.53
C ILE B 283 -14.67 -3.86 -14.47
N LEU B 284 -13.86 -3.59 -13.43
CA LEU B 284 -13.67 -4.49 -12.31
C LEU B 284 -14.19 -3.83 -11.05
N ILE B 285 -14.85 -4.61 -10.17
CA ILE B 285 -15.41 -4.11 -8.93
C ILE B 285 -15.31 -5.19 -7.86
N GLY B 286 -15.41 -4.78 -6.61
CA GLY B 286 -15.36 -5.75 -5.55
C GLY B 286 -13.98 -6.35 -5.42
N ASP B 287 -13.95 -7.61 -4.99
CA ASP B 287 -12.69 -8.28 -4.72
C ASP B 287 -11.88 -8.49 -5.99
N ALA B 288 -12.52 -8.44 -7.16
CA ALA B 288 -11.73 -8.52 -8.38
C ALA B 288 -10.88 -7.28 -8.60
N ALA B 289 -11.28 -6.15 -8.01
CA ALA B 289 -10.55 -4.89 -8.14
C ALA B 289 -9.53 -4.70 -7.01
N HIS B 290 -9.84 -5.15 -5.80
CA HIS B 290 -9.03 -4.85 -4.62
C HIS B 290 -9.43 -5.81 -3.51
N VAL B 291 -8.45 -6.23 -2.71
CA VAL B 291 -8.69 -7.14 -1.59
C VAL B 291 -8.06 -6.56 -0.33
N THR B 292 -8.79 -6.62 0.77
CA THR B 292 -8.29 -6.24 2.08
C THR B 292 -8.57 -7.38 3.04
N ASN B 293 -7.83 -7.41 4.14
CA ASN B 293 -8.21 -8.30 5.22
C ASN B 293 -9.60 -7.89 5.72
N PRO B 294 -10.38 -8.83 6.28
CA PRO B 294 -11.78 -8.56 6.63
C PRO B 294 -12.03 -7.93 7.99
N THR B 295 -11.02 -7.48 8.72
CA THR B 295 -11.25 -6.94 10.07
C THR B 295 -12.00 -5.61 9.98
N GLY B 296 -13.27 -5.62 10.38
CA GLY B 296 -14.10 -4.44 10.25
C GLY B 296 -15.00 -4.47 9.04
N GLY B 297 -14.96 -5.56 8.28
CA GLY B 297 -15.88 -5.72 7.17
C GLY B 297 -15.76 -4.65 6.11
N LEU B 298 -14.56 -4.11 5.92
CA LEU B 298 -14.41 -3.02 4.96
C LEU B 298 -14.32 -3.51 3.52
N GLY B 299 -14.04 -4.80 3.30
CA GLY B 299 -14.05 -5.31 1.93
C GLY B 299 -15.44 -5.43 1.37
N LEU B 300 -16.34 -6.03 2.15
CA LEU B 300 -17.75 -6.10 1.75
C LEU B 300 -18.30 -4.70 1.49
N THR B 301 -18.09 -3.77 2.44
CA THR B 301 -18.61 -2.41 2.32
C THR B 301 -18.05 -1.69 1.09
N GLY B 302 -16.73 -1.80 0.88
CA GLY B 302 -16.13 -1.17 -0.29
C GLY B 302 -16.62 -1.75 -1.60
N GLY B 303 -16.81 -3.07 -1.65
CA GLY B 303 -17.38 -3.68 -2.85
C GLY B 303 -18.80 -3.19 -3.12
N MET B 304 -19.58 -3.01 -2.07
CA MET B 304 -20.94 -2.52 -2.27
C MET B 304 -20.91 -1.07 -2.77
N PHE B 305 -19.99 -0.27 -2.24
CA PHE B 305 -19.87 1.09 -2.76
C PHE B 305 -19.31 1.10 -4.19
N ASP B 306 -18.52 0.09 -4.57
CA ASP B 306 -18.18 -0.09 -5.98
C ASP B 306 -19.46 -0.18 -6.79
N ALA B 307 -20.35 -1.11 -6.41
CA ALA B 307 -21.55 -1.40 -7.19
C ALA B 307 -22.45 -0.16 -7.32
N PHE B 308 -22.70 0.52 -6.19
CA PHE B 308 -23.58 1.69 -6.21
C PHE B 308 -22.98 2.82 -7.03
N ALA B 309 -21.67 3.01 -6.96
CA ALA B 309 -21.06 4.06 -7.77
C ALA B 309 -21.11 3.68 -9.24
N LEU B 310 -20.80 2.43 -9.56
CA LEU B 310 -20.81 2.03 -10.96
C LEU B 310 -22.21 2.08 -11.55
N THR B 311 -23.20 1.58 -10.81
CA THR B 311 -24.59 1.62 -11.30
C THR B 311 -24.99 3.03 -11.70
N SER B 312 -24.69 4.02 -10.86
CA SER B 312 -25.15 5.37 -11.12
C SER B 312 -24.48 5.95 -12.37
N VAL B 313 -23.16 5.84 -12.45
CA VAL B 313 -22.40 6.35 -13.58
C VAL B 313 -22.75 5.59 -14.87
N LEU B 314 -22.78 4.24 -14.80
CA LEU B 314 -22.99 3.47 -16.02
C LEU B 314 -24.42 3.63 -16.54
N ASN B 315 -25.39 3.76 -15.64
CA ASN B 315 -26.75 4.09 -16.08
C ASN B 315 -26.76 5.41 -16.84
N GLN B 316 -25.97 6.39 -16.39
CA GLN B 316 -25.88 7.66 -17.10
C GLN B 316 -25.31 7.47 -18.50
N VAL B 317 -24.29 6.62 -18.63
CA VAL B 317 -23.74 6.33 -19.95
C VAL B 317 -24.82 5.77 -20.87
N ILE B 318 -25.52 4.73 -20.41
CA ILE B 318 -26.34 3.94 -21.33
C ILE B 318 -27.65 4.64 -21.64
N HIS B 319 -28.24 5.35 -20.67
CA HIS B 319 -29.58 5.92 -20.84
C HIS B 319 -29.60 7.43 -21.03
N ASP B 320 -28.62 8.17 -20.51
CA ASP B 320 -28.56 9.61 -20.69
C ASP B 320 -27.46 10.04 -21.67
N GLY B 321 -26.73 9.10 -22.25
CA GLY B 321 -25.66 9.46 -23.16
C GLY B 321 -24.56 10.31 -22.54
N ARG B 322 -24.30 10.14 -21.25
CA ARG B 322 -23.14 10.81 -20.65
C ARG B 322 -21.87 10.30 -21.29
N SER B 323 -20.84 11.16 -21.33
CA SER B 323 -19.56 10.77 -21.91
C SER B 323 -18.94 9.62 -21.12
N GLU B 324 -18.37 8.65 -21.86
CA GLU B 324 -17.71 7.50 -21.25
C GLU B 324 -16.56 7.89 -20.33
N ASP B 325 -16.11 9.15 -20.37
CA ASP B 325 -15.05 9.61 -19.50
C ASP B 325 -15.46 9.66 -18.04
N ILE B 326 -16.77 9.62 -17.76
CA ILE B 326 -17.21 9.55 -16.37
C ILE B 326 -16.74 8.24 -15.74
N LEU B 327 -16.51 7.21 -16.56
CA LEU B 327 -15.98 5.95 -16.04
C LEU B 327 -14.52 6.06 -15.62
N ASP B 328 -13.74 6.89 -16.32
CA ASP B 328 -12.36 7.15 -15.90
C ASP B 328 -12.32 7.84 -14.55
N VAL B 329 -13.23 8.81 -14.33
CA VAL B 329 -13.37 9.42 -13.02
C VAL B 329 -13.77 8.37 -11.98
N PHE B 330 -14.78 7.57 -12.32
CA PHE B 330 -15.24 6.54 -11.40
C PHE B 330 -14.10 5.65 -10.94
N GLU B 331 -13.34 5.11 -11.89
CA GLU B 331 -12.38 4.07 -11.54
C GLU B 331 -11.27 4.64 -10.65
N ALA B 332 -10.79 5.85 -10.97
CA ALA B 332 -9.76 6.47 -10.14
C ALA B 332 -10.27 6.77 -8.74
N ASP B 333 -11.52 7.23 -8.61
CA ASP B 333 -11.99 7.51 -7.26
C ASP B 333 -12.13 6.23 -6.46
N ARG B 334 -12.54 5.13 -7.12
CA ARG B 334 -12.70 3.89 -6.37
C ARG B 334 -11.34 3.35 -5.92
N ARG B 335 -10.33 3.48 -6.77
CA ARG B 335 -8.98 3.13 -6.35
C ARG B 335 -8.48 4.04 -5.24
N ARG B 336 -8.77 5.35 -5.33
CA ARG B 336 -8.35 6.30 -4.30
C ARG B 336 -8.93 5.92 -2.95
N LYS B 337 -10.23 5.63 -2.90
CA LYS B 337 -10.85 5.20 -1.64
C LYS B 337 -10.14 3.98 -1.08
N PHE B 338 -9.91 2.98 -1.93
CA PHE B 338 -9.31 1.75 -1.41
C PHE B 338 -7.90 2.00 -0.89
N ILE B 339 -7.07 2.66 -1.70
CA ILE B 339 -5.65 2.76 -1.40
C ILE B 339 -5.41 3.73 -0.25
N GLU B 340 -6.10 4.87 -0.26
CA GLU B 340 -5.82 5.92 0.70
C GLU B 340 -6.65 5.83 1.97
N LEU B 341 -7.77 5.13 1.96
CA LEU B 341 -8.64 5.12 3.13
C LEU B 341 -8.87 3.73 3.68
N VAL B 342 -9.29 2.78 2.84
CA VAL B 342 -9.75 1.47 3.32
C VAL B 342 -8.59 0.57 3.68
N SER B 343 -7.66 0.39 2.76
CA SER B 343 -6.56 -0.53 3.05
C SER B 343 -5.71 -0.08 4.24
N PRO B 344 -5.40 1.21 4.42
CA PRO B 344 -4.68 1.62 5.65
C PRO B 344 -5.50 1.42 6.92
N ARG B 345 -6.81 1.68 6.87
CA ARG B 345 -7.66 1.52 8.04
C ARG B 345 -7.80 0.05 8.42
N ALA B 346 -8.08 -0.81 7.43
CA ALA B 346 -8.24 -2.23 7.72
C ALA B 346 -6.94 -2.83 8.24
N SER B 347 -5.82 -2.36 7.70
CA SER B 347 -4.53 -2.87 8.13
C SER B 347 -4.26 -2.50 9.58
N ASP B 348 -4.55 -1.25 9.96
CA ASP B 348 -4.47 -0.83 11.37
C ASP B 348 -5.47 -1.60 12.24
N ASN B 349 -6.65 -1.87 11.70
CA ASN B 349 -7.65 -2.65 12.42
C ASN B 349 -7.08 -4.02 12.78
N LEU B 350 -6.42 -4.67 11.81
CA LEU B 350 -5.90 -6.01 12.05
C LEU B 350 -4.81 -5.98 13.11
N ARG B 351 -3.81 -5.13 12.91
CA ARG B 351 -2.72 -5.02 13.88
C ARG B 351 -3.22 -4.70 15.27
N ASN B 352 -4.21 -3.80 15.38
CA ASN B 352 -4.70 -3.41 16.70
C ASN B 352 -5.43 -4.56 17.37
N LEU B 353 -6.17 -5.36 16.60
CA LEU B 353 -7.05 -6.39 17.15
C LEU B 353 -6.30 -7.67 17.51
N TYR B 354 -5.35 -8.10 16.66
CA TYR B 354 -4.74 -9.41 16.81
C TYR B 354 -3.27 -9.44 17.24
N HIS B 355 -2.55 -8.31 17.26
CA HIS B 355 -1.09 -8.36 17.43
C HIS B 355 -0.56 -7.43 18.52
N GLN B 356 -1.41 -6.83 19.35
CA GLN B 356 -0.92 -5.94 20.41
C GLN B 356 -0.53 -6.78 21.62
N LYS B 357 0.77 -6.96 21.83
CA LYS B 357 1.30 -7.70 22.98
C LYS B 357 1.23 -6.82 24.22
N PRO B 358 1.32 -7.41 25.41
CA PRO B 358 1.26 -6.58 26.63
C PRO B 358 2.33 -5.49 26.61
N GLY B 359 1.98 -4.32 27.13
CA GLY B 359 2.90 -3.19 27.08
C GLY B 359 2.18 -1.86 27.15
N GLU B 360 2.99 -0.80 27.06
CA GLU B 360 2.45 0.55 27.15
C GLU B 360 1.53 0.86 25.98
N GLY B 361 1.88 0.38 24.79
CA GLY B 361 1.06 0.67 23.62
C GLY B 361 -0.35 0.12 23.77
N LYS B 362 -0.49 -1.11 24.25
CA LYS B 362 -1.81 -1.68 24.41
C LYS B 362 -2.59 -0.99 25.53
N ASN B 363 -1.93 -0.65 26.64
CA ASN B 363 -2.59 0.11 27.70
C ASN B 363 -3.07 1.46 27.19
N ASP B 364 -2.24 2.14 26.40
CA ASP B 364 -2.65 3.37 25.72
C ASP B 364 -3.85 3.12 24.82
N TRP B 365 -3.82 2.03 24.05
CA TRP B 365 -4.94 1.73 23.17
C TRP B 365 -6.22 1.56 23.99
N VAL B 366 -6.16 0.80 25.07
CA VAL B 366 -7.38 0.52 25.84
C VAL B 366 -7.93 1.80 26.47
N ASN B 367 -7.05 2.62 27.04
CA ASN B 367 -7.47 3.87 27.68
C ASN B 367 -8.12 4.83 26.68
N ASN B 368 -7.59 4.88 25.46
CA ASN B 368 -8.19 5.74 24.43
C ASN B 368 -9.56 5.21 24.01
N THR B 369 -9.65 3.91 23.70
CA THR B 369 -10.92 3.28 23.39
C THR B 369 -11.96 3.54 24.48
N ARG B 370 -11.54 3.49 25.76
CA ARG B 370 -12.49 3.74 26.84
C ARG B 370 -12.86 5.21 26.93
N SER B 371 -11.90 6.10 26.66
CA SER B 371 -12.22 7.53 26.66
C SER B 371 -13.22 7.86 25.58
N ILE B 372 -13.02 7.32 24.37
CA ILE B 372 -13.99 7.51 23.29
C ILE B 372 -15.38 7.07 23.74
N SER B 373 -15.45 5.97 24.49
CA SER B 373 -16.72 5.43 24.95
C SER B 373 -17.51 6.41 25.81
N LYS B 374 -16.86 7.38 26.42
CA LYS B 374 -17.55 8.34 27.29
C LYS B 374 -17.58 9.75 26.69
N ASP B 375 -17.35 9.89 25.39
CA ASP B 375 -17.33 11.20 24.72
C ASP B 375 -18.16 11.08 23.45
N ILE B 376 -19.43 11.49 23.55
CA ILE B 376 -20.40 11.22 22.48
C ILE B 376 -19.88 11.75 21.13
N ASP B 377 -19.16 12.87 21.14
CA ASP B 377 -18.70 13.43 19.88
C ASP B 377 -17.50 12.66 19.32
N ARG B 378 -16.60 12.20 20.20
CA ARG B 378 -15.50 11.35 19.74
C ARG B 378 -16.02 10.01 19.27
N MET B 379 -17.03 9.48 19.95
CA MET B 379 -17.63 8.22 19.53
C MET B 379 -18.35 8.40 18.21
N ARG B 380 -19.09 9.51 18.07
CA ARG B 380 -19.67 9.87 16.78
C ARG B 380 -18.62 9.85 15.69
N ASP B 381 -17.46 10.47 15.95
CA ASP B 381 -16.44 10.56 14.92
C ASP B 381 -15.77 9.20 14.65
N ALA B 382 -15.56 8.40 15.70
CA ALA B 382 -15.04 7.05 15.48
C ALA B 382 -16.00 6.22 14.63
N LEU B 383 -17.28 6.22 14.99
CA LEU B 383 -18.21 5.32 14.32
C LEU B 383 -18.46 5.71 12.86
N ARG B 384 -18.21 6.97 12.50
CA ARG B 384 -18.63 7.52 11.21
C ARG B 384 -17.79 7.07 10.04
N PHE B 385 -16.65 6.40 10.27
CA PHE B 385 -15.69 6.14 9.19
C PHE B 385 -16.30 5.59 7.90
N PRO B 386 -17.20 4.59 7.93
CA PRO B 386 -17.63 4.01 6.65
C PRO B 386 -18.27 5.01 5.69
N GLU B 387 -18.86 6.10 6.17
CA GLU B 387 -19.46 7.04 5.22
C GLU B 387 -18.41 7.67 4.30
N THR B 388 -17.15 7.76 4.75
CA THR B 388 -16.09 8.30 3.91
C THR B 388 -15.69 7.38 2.77
N MET B 389 -16.10 6.11 2.80
CA MET B 389 -15.75 5.17 1.74
C MET B 389 -16.61 5.35 0.49
N GLU B 390 -17.66 6.16 0.57
CA GLU B 390 -18.58 6.29 -0.55
C GLU B 390 -18.05 7.30 -1.56
N THR B 391 -18.26 7.01 -2.84
CA THR B 391 -17.89 7.93 -3.91
C THR B 391 -19.08 8.81 -4.26
N PHE B 392 -18.84 10.12 -4.33
CA PHE B 392 -19.76 11.09 -4.91
C PHE B 392 -19.02 11.87 -6.02
#